data_5AFO
#
_entry.id   5AFO
#
_cell.length_a   49.010
_cell.length_b   372.130
_cell.length_c   99.030
_cell.angle_alpha   90.00
_cell.angle_beta   90.00
_cell.angle_gamma   90.00
#
_symmetry.space_group_name_H-M   'C 2 2 21'
#
loop_
_entity.id
_entity.type
_entity.pdbx_description
1 polymer FIMBRIAE
2 non-polymer GLYCEROL
3 water water
#
_entity_poly.entity_id   1
_entity_poly.type   'polypeptide(L)'
_entity_poly.pdbx_seq_one_letter_code
;ADWGPCRTASGDPFIFVTSFTKNIQNPTDNVTGQTYPDFYQWALGDKYSGVCECPSPNPTEARPTLYKTESTLAAGHNST
YFKITNNLEVSTRVYIANVGNVQVPFINKSNSQPGRECDQPTFGWTTGSKGQLSLYIAKPFVGEQNIPQTIIVSVFGTKK
ENVYSSVPISQVLLSGKVTVTQGCELAAGTSLDIDFGEYQAHDFKGRTGQPPQNVQKIQKELTFNCTNISDGVHIYLSLE
GTPNAAYPSAISLGNADVGAVIEDGKGNILKPNDSNSLLEMNPGSLYEYVKRKVTTTITAYPVSTTGKLPAAGDYSGVAT
MHVELDGGGGGGGGGGATTDLGAKGTLKFSLKISQGHHHHHH
;
_entity_poly.pdbx_strand_id   A,B
#
# COMPACT_ATOMS: atom_id res chain seq x y z
N ALA A 1 24.54 14.48 25.66
CA ALA A 1 25.10 13.42 26.46
C ALA A 1 24.08 12.32 26.66
N ASP A 2 23.11 12.12 25.76
CA ASP A 2 22.55 10.77 25.67
C ASP A 2 22.04 10.56 24.25
N TRP A 3 21.83 9.30 23.90
CA TRP A 3 21.11 8.99 22.64
C TRP A 3 19.82 9.77 22.67
N GLY A 4 19.48 10.38 21.54
CA GLY A 4 18.30 11.19 21.44
C GLY A 4 17.92 11.57 20.04
N PRO A 5 17.11 12.61 19.92
CA PRO A 5 16.55 13.04 18.61
C PRO A 5 17.55 13.38 17.54
N CYS A 6 17.09 13.17 16.30
CA CYS A 6 17.79 13.54 15.08
C CYS A 6 17.21 14.82 14.49
N ARG A 7 18.08 15.52 13.76
CA ARG A 7 17.75 16.74 13.10
C ARG A 7 18.46 16.80 11.76
N THR A 8 17.98 17.68 10.90
CA THR A 8 18.69 17.96 9.69
C THR A 8 19.90 18.86 10.02
N ALA A 9 20.78 18.98 9.04
CA ALA A 9 21.97 19.85 9.14
C ALA A 9 21.60 21.27 9.45
N SER A 10 20.58 21.84 8.80
CA SER A 10 20.15 23.22 9.11
C SER A 10 19.32 23.31 10.40
N GLY A 11 18.71 22.22 10.80
CA GLY A 11 17.75 22.25 11.90
C GLY A 11 16.34 22.23 11.43
N ASP A 12 16.11 22.75 10.21
CA ASP A 12 14.80 22.80 9.61
C ASP A 12 14.53 21.54 8.78
N PRO A 13 13.32 21.03 8.88
CA PRO A 13 13.06 19.83 8.03
C PRO A 13 13.23 19.92 6.54
N PHE A 14 13.64 18.81 5.99
CA PHE A 14 13.74 18.70 4.53
C PHE A 14 12.32 18.49 3.97
N ILE A 15 11.96 19.22 2.90
CA ILE A 15 10.61 19.16 2.37
C ILE A 15 10.59 18.34 1.05
N PHE A 16 9.91 17.20 1.05
CA PHE A 16 9.65 16.40 -0.07
C PHE A 16 8.32 16.88 -0.72
N VAL A 17 8.33 16.92 -2.03
CA VAL A 17 7.24 17.52 -2.82
C VAL A 17 6.59 16.38 -3.62
N THR A 18 5.28 16.31 -3.46
CA THR A 18 4.36 15.28 -4.01
C THR A 18 3.16 15.94 -4.66
N SER A 19 2.55 15.19 -5.60
CA SER A 19 1.36 15.72 -6.26
C SER A 19 0.65 14.63 -7.02
N PHE A 20 -0.65 14.80 -7.24
CA PHE A 20 -1.37 13.84 -8.12
C PHE A 20 -2.55 14.50 -8.81
N THR A 21 -3.06 13.84 -9.83
CA THR A 21 -4.28 14.23 -10.56
C THR A 21 -5.14 12.99 -10.56
N LYS A 22 -6.39 13.11 -10.08
CA LYS A 22 -7.35 12.03 -10.12
C LYS A 22 -8.59 12.49 -10.85
N ASN A 23 -8.95 11.74 -11.87
N ASN A 23 -8.90 11.89 -12.03
CA ASN A 23 -10.03 12.10 -12.70
CA ASN A 23 -10.21 12.14 -12.74
C ASN A 23 -11.03 10.94 -12.47
C ASN A 23 -11.05 10.93 -12.44
N ILE A 24 -12.19 11.21 -11.87
CA ILE A 24 -13.15 10.18 -11.59
C ILE A 24 -14.09 10.08 -12.80
N GLN A 25 -13.90 9.02 -13.57
CA GLN A 25 -14.56 8.88 -14.87
C GLN A 25 -16.04 8.57 -14.77
N ASN A 26 -16.40 7.75 -13.80
CA ASN A 26 -17.83 7.34 -13.62
C ASN A 26 -18.59 8.41 -12.78
N PRO A 27 -19.54 9.08 -13.41
CA PRO A 27 -20.23 10.13 -12.72
C PRO A 27 -20.74 9.69 -11.34
N THR A 28 -21.34 8.53 -11.26
CA THR A 28 -21.91 8.09 -10.00
C THR A 28 -20.93 7.68 -8.91
N ASP A 29 -19.61 7.66 -9.20
CA ASP A 29 -18.62 7.38 -8.19
C ASP A 29 -18.42 8.54 -7.28
N ASN A 30 -19.00 9.71 -7.62
CA ASN A 30 -18.85 10.92 -6.84
C ASN A 30 -19.85 10.86 -5.68
N VAL A 31 -19.48 10.05 -4.67
CA VAL A 31 -20.42 9.72 -3.61
C VAL A 31 -19.64 9.64 -2.29
N THR A 32 -20.29 10.00 -1.24
CA THR A 32 -19.68 9.96 0.10
C THR A 32 -19.18 8.55 0.32
N GLY A 33 -17.92 8.45 0.74
CA GLY A 33 -17.36 7.17 1.12
C GLY A 33 -16.54 6.57 0.01
N GLN A 34 -16.58 7.13 -1.20
CA GLN A 34 -15.82 6.57 -2.30
C GLN A 34 -14.33 6.62 -1.94
N THR A 35 -13.62 5.51 -2.11
CA THR A 35 -12.19 5.42 -1.61
C THR A 35 -11.30 4.95 -2.76
N TYR A 36 -10.15 5.61 -2.88
CA TYR A 36 -9.11 5.24 -3.84
C TYR A 36 -7.91 4.87 -3.00
N PRO A 37 -7.78 3.54 -2.71
CA PRO A 37 -6.71 3.17 -1.74
C PRO A 37 -5.36 3.06 -2.44
N ASP A 38 -4.34 3.60 -1.77
CA ASP A 38 -2.96 3.38 -2.23
C ASP A 38 -2.79 3.61 -3.73
N PHE A 39 -3.32 4.70 -4.21
CA PHE A 39 -3.52 4.93 -5.64
C PHE A 39 -2.39 5.69 -6.24
N TYR A 40 -1.66 6.42 -5.39
CA TYR A 40 -0.56 7.24 -5.81
C TYR A 40 0.66 6.91 -4.94
N GLN A 41 1.75 6.58 -5.57
CA GLN A 41 2.94 6.41 -4.82
C GLN A 41 4.07 7.27 -5.25
N TRP A 42 4.74 7.83 -4.27
CA TRP A 42 5.84 8.76 -4.57
C TRP A 42 7.13 8.01 -4.35
N ALA A 43 8.09 8.31 -5.19
CA ALA A 43 9.39 7.62 -5.13
C ALA A 43 10.37 8.72 -5.64
N LEU A 44 10.86 9.53 -4.73
CA LEU A 44 11.51 10.79 -5.04
C LEU A 44 13.07 10.61 -5.04
N GLY A 45 13.78 11.48 -5.72
CA GLY A 45 15.23 11.39 -5.87
C GLY A 45 15.97 12.30 -4.88
N ASP A 46 15.26 12.95 -3.95
CA ASP A 46 15.85 13.97 -3.09
C ASP A 46 16.35 13.30 -1.83
N LYS A 47 17.37 13.90 -1.25
CA LYS A 47 17.94 13.39 -0.03
C LYS A 47 18.41 14.56 0.86
N TYR A 48 18.82 14.27 2.10
CA TYR A 48 19.15 15.32 3.03
C TYR A 48 20.23 14.79 3.99
N SER A 49 20.76 15.68 4.81
CA SER A 49 21.85 15.42 5.76
C SER A 49 21.23 15.51 7.11
N GLY A 50 21.75 14.73 8.04
CA GLY A 50 21.17 14.63 9.37
C GLY A 50 22.22 14.24 10.41
N VAL A 51 21.90 14.48 11.65
CA VAL A 51 22.70 14.12 12.77
C VAL A 51 21.81 13.93 14.00
N CYS A 52 22.26 13.10 14.92
CA CYS A 52 21.51 12.80 16.13
C CYS A 52 22.27 13.12 17.39
N GLU A 53 21.53 13.23 18.49
CA GLU A 53 22.14 13.29 19.80
C GLU A 53 22.61 11.92 20.21
N CYS A 54 23.82 11.87 20.72
CA CYS A 54 24.39 10.68 21.22
C CYS A 54 25.23 10.98 22.47
N PRO A 55 25.67 9.94 23.17
CA PRO A 55 26.35 10.23 24.42
C PRO A 55 27.69 10.93 24.22
N SER A 56 28.28 10.79 23.05
CA SER A 56 29.40 11.56 22.60
C SER A 56 29.40 11.59 21.08
N PRO A 57 30.32 12.37 20.47
CA PRO A 57 30.30 12.49 19.01
C PRO A 57 30.85 11.23 18.34
N ASN A 58 31.56 10.43 19.12
CA ASN A 58 32.05 9.12 18.66
C ASN A 58 31.84 8.07 19.75
N PRO A 59 30.58 7.67 19.95
CA PRO A 59 30.20 6.76 21.04
C PRO A 59 30.74 5.38 20.81
N THR A 60 30.99 4.65 21.92
CA THR A 60 31.40 3.27 21.83
C THR A 60 30.37 2.38 21.18
N GLU A 61 29.11 2.49 21.64
CA GLU A 61 28.00 1.73 21.03
C GLU A 61 27.47 2.41 19.75
N ALA A 62 26.67 1.67 19.01
CA ALA A 62 25.85 2.17 17.88
C ALA A 62 24.38 2.02 18.23
N ARG A 63 23.51 2.73 17.53
CA ARG A 63 22.08 2.54 17.70
C ARG A 63 21.43 2.72 16.33
N PRO A 64 20.32 1.98 16.06
CA PRO A 64 19.60 2.23 14.86
C PRO A 64 18.85 3.56 14.98
N THR A 65 18.41 4.13 13.84
CA THR A 65 17.52 5.24 13.87
C THR A 65 16.07 4.78 13.92
N LEU A 66 15.32 5.35 14.84
CA LEU A 66 13.87 5.13 14.96
C LEU A 66 13.10 6.33 14.44
N TYR A 67 11.99 6.02 13.81
CA TYR A 67 11.16 7.06 13.14
C TYR A 67 9.72 7.07 13.63
N LYS A 68 9.19 8.28 13.70
CA LYS A 68 7.86 8.57 14.05
C LYS A 68 7.27 9.41 12.94
N THR A 69 6.04 9.12 12.59
CA THR A 69 5.30 10.16 11.80
C THR A 69 4.10 10.67 12.54
N GLU A 70 3.73 11.92 12.18
CA GLU A 70 2.52 12.56 12.71
C GLU A 70 1.82 13.24 11.51
N SER A 71 0.49 13.20 11.51
CA SER A 71 -0.28 13.97 10.52
C SER A 71 -0.27 15.36 10.95
N THR A 72 -0.16 16.26 10.00
CA THR A 72 -0.28 17.66 10.28
C THR A 72 -1.68 18.18 9.87
N LEU A 73 -2.63 17.29 9.61
CA LEU A 73 -4.00 17.66 9.21
C LEU A 73 -5.03 17.32 10.29
N ALA A 74 -6.17 17.96 10.26
CA ALA A 74 -7.24 17.59 11.18
C ALA A 74 -7.81 16.17 10.98
N ALA A 75 -8.36 15.61 12.06
CA ALA A 75 -8.94 14.24 12.01
C ALA A 75 -10.02 14.05 10.95
N GLY A 76 -9.95 12.95 10.22
CA GLY A 76 -10.98 12.59 9.21
C GLY A 76 -11.86 11.48 9.76
N HIS A 77 -12.32 10.57 8.91
CA HIS A 77 -13.45 9.69 9.30
C HIS A 77 -13.02 8.51 10.16
N ASN A 78 -11.76 8.28 10.23
CA ASN A 78 -11.18 7.30 11.15
C ASN A 78 -9.78 7.66 11.50
N SER A 79 -9.13 6.86 12.34
CA SER A 79 -7.82 7.28 12.93
C SER A 79 -6.66 7.37 11.93
N THR A 80 -6.83 6.87 10.69
CA THR A 80 -5.78 6.98 9.71
C THR A 80 -6.09 7.85 8.50
N TYR A 81 -7.28 8.43 8.46
CA TYR A 81 -7.62 9.42 7.43
C TYR A 81 -7.73 10.82 8.01
N PHE A 82 -7.25 11.82 7.24
CA PHE A 82 -7.17 13.22 7.72
C PHE A 82 -7.72 14.17 6.65
N LYS A 83 -8.35 15.26 7.10
CA LYS A 83 -8.98 16.19 6.17
C LYS A 83 -7.95 16.99 5.45
N ILE A 84 -8.08 17.02 4.15
CA ILE A 84 -7.16 17.79 3.34
C ILE A 84 -7.92 18.99 2.73
N THR A 85 -9.18 18.82 2.39
CA THR A 85 -10.02 19.94 1.96
C THR A 85 -11.37 19.76 2.59
N ASN A 86 -12.26 20.64 2.24
CA ASN A 86 -13.64 20.55 2.75
C ASN A 86 -14.34 19.26 2.36
N ASN A 87 -13.92 18.66 1.26
CA ASN A 87 -14.63 17.46 0.73
C ASN A 87 -13.81 16.18 0.67
N LEU A 88 -12.48 16.30 0.83
CA LEU A 88 -11.61 15.21 0.67
C LEU A 88 -10.74 14.88 1.90
N GLU A 89 -10.41 13.59 2.06
CA GLU A 89 -9.55 13.16 3.12
C GLU A 89 -8.46 12.32 2.49
N VAL A 90 -7.33 12.22 3.18
CA VAL A 90 -6.24 11.42 2.73
C VAL A 90 -5.70 10.53 3.85
N SER A 91 -5.08 9.42 3.45
CA SER A 91 -4.37 8.49 4.32
C SER A 91 -3.04 8.20 3.67
N THR A 92 -1.99 8.02 4.49
N THR A 92 -1.98 8.03 4.47
CA THR A 92 -0.66 7.97 3.98
CA THR A 92 -0.66 7.96 3.93
C THR A 92 0.09 6.78 4.59
C THR A 92 0.16 6.87 4.61
N ARG A 93 1.08 6.28 3.83
CA ARG A 93 2.09 5.32 4.29
C ARG A 93 3.43 5.95 3.94
N VAL A 94 4.41 5.78 4.80
CA VAL A 94 5.77 6.26 4.54
C VAL A 94 6.79 5.15 4.68
N TYR A 95 7.70 5.03 3.74
CA TYR A 95 8.67 3.91 3.74
C TYR A 95 9.73 4.12 4.83
N ILE A 96 9.97 3.13 5.63
CA ILE A 96 11.08 3.06 6.59
C ILE A 96 11.87 1.86 6.17
N ALA A 97 13.17 2.10 5.97
CA ALA A 97 14.15 1.09 5.63
C ALA A 97 14.07 -0.15 6.55
N ASN A 98 14.06 -1.33 5.93
CA ASN A 98 13.95 -2.61 6.67
C ASN A 98 12.67 -2.82 7.46
N VAL A 99 11.62 -2.02 7.15
CA VAL A 99 10.35 -2.21 7.70
C VAL A 99 9.33 -2.36 6.55
N GLY A 100 9.21 -1.31 5.75
CA GLY A 100 8.21 -1.27 4.66
C GLY A 100 7.49 0.05 4.65
N ASN A 101 6.42 0.09 3.89
CA ASN A 101 5.54 1.25 3.88
C ASN A 101 4.58 1.24 5.05
N VAL A 102 4.89 2.08 6.05
CA VAL A 102 4.22 2.02 7.30
C VAL A 102 3.11 3.03 7.30
N GLN A 103 1.94 2.58 7.73
N GLN A 103 1.92 2.61 7.71
CA GLN A 103 0.77 3.46 7.83
CA GLN A 103 0.79 3.55 7.74
C GLN A 103 0.97 4.62 8.86
C GLN A 103 0.97 4.62 8.82
N VAL A 104 0.77 5.86 8.43
CA VAL A 104 0.85 7.04 9.28
C VAL A 104 -0.47 7.19 10.08
N PRO A 105 -0.44 7.49 11.39
CA PRO A 105 0.79 7.70 12.18
C PRO A 105 1.42 6.43 12.73
N PHE A 106 2.72 6.53 12.99
CA PHE A 106 3.48 5.47 13.56
C PHE A 106 4.60 6.03 14.44
N ILE A 107 5.14 5.18 15.31
CA ILE A 107 6.17 5.62 16.26
C ILE A 107 7.15 4.51 16.48
N ASN A 108 8.44 4.86 16.73
CA ASN A 108 9.50 3.91 17.08
C ASN A 108 9.78 2.82 16.05
N LYS A 109 9.62 3.16 14.77
CA LYS A 109 9.93 2.23 13.70
C LYS A 109 11.40 2.31 13.38
N SER A 110 12.11 1.20 13.61
CA SER A 110 13.55 1.14 13.47
C SER A 110 13.99 0.85 12.10
N ASN A 111 15.00 1.56 11.61
CA ASN A 111 15.67 1.13 10.39
C ASN A 111 16.54 -0.08 10.47
N SER A 112 16.72 -0.66 11.67
CA SER A 112 17.66 -1.78 11.86
C SER A 112 19.01 -1.60 11.28
N GLN A 113 19.55 -0.35 11.29
CA GLN A 113 20.86 -0.07 10.75
C GLN A 113 21.66 0.67 11.87
N PRO A 114 22.14 -0.06 12.83
CA PRO A 114 22.94 0.63 13.88
C PRO A 114 24.00 1.58 13.33
N GLY A 115 24.06 2.80 13.87
CA GLY A 115 25.02 3.75 13.42
C GLY A 115 25.46 4.71 14.51
N ARG A 116 26.36 5.61 14.14
CA ARG A 116 26.87 6.59 15.06
C ARG A 116 26.84 8.00 14.39
N GLU A 117 25.67 8.33 13.85
CA GLU A 117 25.41 9.67 13.24
C GLU A 117 25.22 10.70 14.33
N CYS A 118 26.34 11.04 14.92
CA CYS A 118 26.42 11.75 16.22
C CYS A 118 27.28 12.98 16.22
N ASP A 119 28.07 13.16 15.18
CA ASP A 119 29.05 14.23 15.22
C ASP A 119 28.63 15.33 14.22
N GLN A 120 29.16 15.26 13.01
CA GLN A 120 28.79 16.21 11.93
C GLN A 120 27.66 15.56 11.12
N PRO A 121 26.80 16.37 10.48
CA PRO A 121 25.71 15.76 9.71
C PRO A 121 26.28 14.82 8.62
N THR A 122 25.60 13.73 8.37
CA THR A 122 25.98 12.76 7.35
C THR A 122 24.94 12.88 6.22
N PHE A 123 25.39 12.62 5.02
CA PHE A 123 24.58 12.74 3.79
C PHE A 123 23.80 11.48 3.49
N GLY A 124 22.81 11.58 2.59
CA GLY A 124 22.16 10.36 2.15
C GLY A 124 20.92 9.95 2.95
N TRP A 125 20.41 10.80 3.84
CA TRP A 125 19.18 10.46 4.54
C TRP A 125 18.05 10.56 3.53
N THR A 126 17.10 9.64 3.56
CA THR A 126 15.98 9.65 2.61
C THR A 126 14.60 9.47 3.18
N THR A 127 14.47 9.33 4.50
CA THR A 127 13.19 9.03 5.04
C THR A 127 12.21 10.17 4.77
N GLY A 128 11.06 9.79 4.15
CA GLY A 128 10.11 10.74 3.59
C GLY A 128 10.07 10.67 2.07
N SER A 129 11.12 10.16 1.42
CA SER A 129 11.24 10.21 0.03
C SER A 129 10.30 9.22 -0.72
N LYS A 130 9.79 8.24 0.01
CA LYS A 130 8.97 7.24 -0.61
C LYS A 130 7.76 7.00 0.26
N GLY A 131 6.59 6.88 -0.37
CA GLY A 131 5.36 6.67 0.38
C GLY A 131 4.20 6.47 -0.60
N GLN A 132 2.97 6.36 -0.06
CA GLN A 132 1.77 6.07 -0.84
C GLN A 132 0.63 6.77 -0.25
N LEU A 133 -0.30 7.23 -1.09
CA LEU A 133 -1.40 8.01 -0.60
C LEU A 133 -2.70 7.30 -0.98
N SER A 134 -3.73 7.46 -0.14
CA SER A 134 -5.11 6.99 -0.40
C SER A 134 -6.04 8.21 -0.32
N LEU A 135 -7.05 8.24 -1.17
CA LEU A 135 -8.00 9.38 -1.21
C LEU A 135 -9.38 8.96 -0.85
N TYR A 136 -10.12 9.79 -0.09
CA TYR A 136 -11.44 9.48 0.33
C TYR A 136 -12.39 10.70 0.09
N ILE A 137 -13.54 10.47 -0.51
CA ILE A 137 -14.54 11.52 -0.74
C ILE A 137 -15.41 11.61 0.52
N ALA A 138 -15.18 12.62 1.33
CA ALA A 138 -16.03 12.85 2.49
C ALA A 138 -17.40 13.46 2.15
N LYS A 139 -17.43 14.23 1.07
CA LYS A 139 -18.65 14.84 0.61
C LYS A 139 -18.49 15.08 -0.89
N PRO A 140 -19.49 14.71 -1.69
CA PRO A 140 -19.28 14.94 -3.12
C PRO A 140 -19.26 16.39 -3.46
N PHE A 141 -18.59 16.73 -4.58
CA PHE A 141 -18.49 18.14 -5.03
C PHE A 141 -18.78 18.17 -6.55
N VAL A 142 -19.07 19.35 -7.09
CA VAL A 142 -19.33 19.48 -8.52
C VAL A 142 -18.03 20.06 -9.12
N GLY A 143 -17.70 19.63 -10.34
CA GLY A 143 -16.57 20.20 -11.04
C GLY A 143 -15.22 19.58 -10.65
N GLU A 144 -14.49 20.37 -9.88
CA GLU A 144 -13.11 20.01 -9.57
C GLU A 144 -12.76 20.62 -8.26
N GLN A 145 -11.87 19.93 -7.58
CA GLN A 145 -11.32 20.40 -6.37
C GLN A 145 -9.80 20.40 -6.46
N ASN A 146 -9.18 21.54 -6.14
CA ASN A 146 -7.73 21.68 -6.21
C ASN A 146 -7.22 21.68 -4.80
N ILE A 147 -6.24 20.83 -4.55
CA ILE A 147 -5.61 20.76 -3.27
C ILE A 147 -4.35 21.62 -3.39
N PRO A 148 -4.35 22.75 -2.70
CA PRO A 148 -3.15 23.61 -2.83
C PRO A 148 -2.03 22.96 -1.97
N GLN A 149 -0.81 23.41 -2.16
CA GLN A 149 0.35 22.90 -1.43
C GLN A 149 0.13 22.87 0.05
N THR A 150 0.18 21.68 0.67
CA THR A 150 -0.18 21.57 2.06
C THR A 150 0.79 20.54 2.66
N ILE A 151 1.36 20.80 3.83
CA ILE A 151 2.14 19.76 4.51
C ILE A 151 1.19 18.76 5.05
N ILE A 152 1.39 17.48 4.76
CA ILE A 152 0.51 16.47 5.22
C ILE A 152 1.06 15.51 6.25
N VAL A 153 2.38 15.35 6.30
N VAL A 153 2.39 15.41 6.33
CA VAL A 153 3.01 14.45 7.33
CA VAL A 153 3.00 14.46 7.29
C VAL A 153 4.36 15.00 7.71
C VAL A 153 4.33 15.09 7.74
N SER A 154 4.69 14.86 8.99
CA SER A 154 6.00 15.17 9.57
C SER A 154 6.65 13.84 10.00
N VAL A 155 7.90 13.70 9.67
CA VAL A 155 8.76 12.56 10.02
C VAL A 155 9.79 13.08 11.04
N PHE A 156 9.87 12.33 12.17
CA PHE A 156 10.80 12.60 13.20
C PHE A 156 11.75 11.38 13.38
N GLY A 157 12.98 11.63 13.75
CA GLY A 157 13.92 10.52 13.95
C GLY A 157 14.57 10.66 15.32
N THR A 158 15.00 9.52 15.87
CA THR A 158 15.68 9.48 17.14
C THR A 158 16.53 8.23 17.29
N LYS A 159 17.48 8.30 18.22
CA LYS A 159 18.26 7.16 18.62
C LYS A 159 17.77 6.58 19.94
N LYS A 160 16.74 7.19 20.49
CA LYS A 160 16.18 6.74 21.74
C LYS A 160 14.65 6.65 21.71
N GLU A 161 14.21 5.42 21.86
CA GLU A 161 12.82 5.11 21.90
C GLU A 161 12.02 6.17 22.69
N ASN A 162 10.98 6.67 22.06
CA ASN A 162 10.00 7.57 22.64
C ASN A 162 10.55 8.94 23.01
N VAL A 163 11.73 9.28 22.55
CA VAL A 163 12.28 10.60 22.78
C VAL A 163 12.46 11.27 21.44
N TYR A 164 11.54 12.17 21.13
CA TYR A 164 11.56 12.88 19.89
C TYR A 164 11.56 14.40 20.06
N SER A 165 12.20 15.09 19.13
CA SER A 165 12.18 16.56 19.06
C SER A 165 10.78 17.01 18.58
N SER A 166 10.41 18.25 18.90
CA SER A 166 9.21 18.84 18.38
C SER A 166 9.44 19.30 16.89
N VAL A 167 10.64 19.20 16.37
CA VAL A 167 10.95 19.61 15.01
C VAL A 167 11.31 18.35 14.18
N PRO A 168 10.53 18.12 13.11
CA PRO A 168 10.77 16.97 12.29
C PRO A 168 12.06 17.05 11.51
N ILE A 169 12.53 15.91 11.06
CA ILE A 169 13.64 15.86 10.10
C ILE A 169 13.20 16.01 8.67
N SER A 170 11.97 15.59 8.36
CA SER A 170 11.42 15.82 7.01
C SER A 170 9.91 15.98 7.05
N GLN A 171 9.39 16.56 5.97
CA GLN A 171 7.95 16.65 5.81
C GLN A 171 7.58 16.46 4.37
N VAL A 172 6.31 16.12 4.14
CA VAL A 172 5.78 15.84 2.84
C VAL A 172 4.73 16.88 2.48
N LEU A 173 5.03 17.63 1.41
CA LEU A 173 4.19 18.69 0.85
C LEU A 173 3.39 18.08 -0.31
N LEU A 174 2.06 18.18 -0.24
CA LEU A 174 1.16 17.65 -1.28
C LEU A 174 0.37 18.76 -1.97
N SER A 175 0.17 18.61 -3.28
CA SER A 175 -0.83 19.38 -4.05
C SER A 175 -1.51 18.43 -4.99
N GLY A 176 -2.61 18.87 -5.59
CA GLY A 176 -3.20 17.99 -6.59
C GLY A 176 -4.56 18.46 -7.05
N LYS A 177 -5.24 17.64 -7.83
CA LYS A 177 -6.52 18.03 -8.43
C LYS A 177 -7.35 16.76 -8.52
N VAL A 178 -8.64 16.85 -8.15
CA VAL A 178 -9.57 15.80 -8.34
C VAL A 178 -10.77 16.34 -9.17
N THR A 179 -11.12 15.62 -10.23
CA THR A 179 -12.22 16.05 -11.09
C THR A 179 -13.25 14.92 -11.13
N VAL A 180 -14.48 15.33 -11.45
CA VAL A 180 -15.62 14.45 -11.62
C VAL A 180 -16.24 14.72 -12.96
N THR A 181 -17.11 13.84 -13.39
CA THR A 181 -17.63 13.83 -14.72
C THR A 181 -19.16 13.95 -14.70
N GLN A 182 -19.69 14.83 -15.55
CA GLN A 182 -21.14 15.03 -15.72
C GLN A 182 -21.66 13.79 -16.41
N GLY A 183 -22.84 13.36 -16.02
CA GLY A 183 -23.44 12.23 -16.73
C GLY A 183 -24.94 12.15 -16.45
N CYS A 184 -25.67 11.45 -17.36
CA CYS A 184 -27.12 11.18 -17.22
C CYS A 184 -27.35 9.76 -17.77
N GLU A 185 -28.25 9.02 -17.15
CA GLU A 185 -28.63 7.70 -17.64
C GLU A 185 -30.15 7.65 -17.59
N LEU A 186 -30.73 7.01 -18.58
CA LEU A 186 -32.16 6.74 -18.59
C LEU A 186 -32.58 5.90 -17.37
N ALA A 187 -33.65 6.30 -16.71
CA ALA A 187 -34.17 5.52 -15.59
C ALA A 187 -34.38 4.07 -15.93
N ALA A 188 -34.02 3.20 -15.02
CA ALA A 188 -34.24 1.77 -15.21
C ALA A 188 -35.73 1.45 -15.45
N GLY A 189 -35.96 0.35 -16.16
CA GLY A 189 -37.32 -0.17 -16.39
C GLY A 189 -38.07 0.65 -17.41
N THR A 190 -37.36 1.45 -18.21
CA THR A 190 -38.04 2.28 -19.22
C THR A 190 -38.04 1.54 -20.56
N SER A 191 -39.21 1.18 -21.06
CA SER A 191 -39.37 0.44 -22.32
C SER A 191 -39.35 1.48 -23.43
N LEU A 192 -38.93 1.13 -24.64
CA LEU A 192 -38.69 2.18 -25.65
C LEU A 192 -39.47 1.89 -26.95
N ASP A 193 -40.41 0.93 -26.88
CA ASP A 193 -41.32 0.75 -28.00
C ASP A 193 -42.34 1.86 -28.10
N ILE A 194 -42.55 2.35 -29.34
CA ILE A 194 -43.57 3.27 -29.67
C ILE A 194 -44.37 2.66 -30.77
N ASP A 195 -45.53 2.10 -30.44
CA ASP A 195 -46.31 1.38 -31.43
C ASP A 195 -47.39 2.29 -31.90
N PHE A 196 -47.28 2.79 -33.13
CA PHE A 196 -48.36 3.64 -33.71
C PHE A 196 -49.65 2.91 -34.06
N GLY A 197 -49.68 1.58 -34.06
CA GLY A 197 -50.89 0.88 -34.33
C GLY A 197 -51.14 0.78 -35.84
N GLU A 198 -52.39 0.61 -36.19
CA GLU A 198 -52.79 0.36 -37.58
C GLU A 198 -53.61 1.48 -38.20
N TYR A 199 -53.30 1.81 -39.45
CA TYR A 199 -54.09 2.77 -40.20
C TYR A 199 -54.41 2.22 -41.57
N GLN A 200 -55.49 2.69 -42.13
CA GLN A 200 -55.74 2.45 -43.52
C GLN A 200 -54.85 3.35 -44.33
N ALA A 201 -54.37 2.86 -45.46
CA ALA A 201 -53.52 3.70 -46.32
C ALA A 201 -54.17 5.07 -46.66
N HIS A 202 -55.48 5.09 -46.92
CA HIS A 202 -56.24 6.33 -47.25
C HIS A 202 -56.17 7.43 -46.18
N ASP A 203 -55.85 7.07 -44.92
CA ASP A 203 -55.67 8.02 -43.83
C ASP A 203 -54.50 8.97 -44.02
N PHE A 204 -53.52 8.54 -44.81
CA PHE A 204 -52.36 9.38 -45.11
C PHE A 204 -52.49 10.16 -46.43
N LYS A 205 -53.39 9.71 -47.31
CA LYS A 205 -53.44 10.29 -48.65
C LYS A 205 -53.57 11.83 -48.46
N GLY A 206 -52.74 12.60 -49.16
CA GLY A 206 -53.02 14.03 -49.40
C GLY A 206 -52.71 14.85 -48.17
N ARG A 207 -52.00 14.25 -47.24
CA ARG A 207 -51.71 14.92 -45.96
C ARG A 207 -50.23 15.17 -45.72
N THR A 208 -49.55 15.66 -46.75
CA THR A 208 -48.10 15.81 -46.71
C THR A 208 -47.68 16.60 -45.50
N GLY A 209 -46.71 16.08 -44.76
CA GLY A 209 -46.16 16.77 -43.60
C GLY A 209 -47.05 16.77 -42.37
N GLN A 210 -48.15 16.02 -42.40
CA GLN A 210 -49.10 16.01 -41.31
C GLN A 210 -49.39 14.60 -40.84
N PRO A 211 -49.92 14.48 -39.60
CA PRO A 211 -50.39 13.18 -39.18
C PRO A 211 -51.61 12.73 -39.96
N PRO A 212 -51.87 11.44 -39.93
CA PRO A 212 -53.00 10.92 -40.62
C PRO A 212 -54.30 11.39 -40.01
N GLN A 213 -55.35 11.32 -40.82
CA GLN A 213 -56.74 11.36 -40.36
C GLN A 213 -56.88 10.38 -39.14
N ASN A 214 -57.55 10.82 -38.07
CA ASN A 214 -57.86 9.98 -36.88
C ASN A 214 -56.62 9.48 -36.15
N VAL A 215 -55.59 10.29 -36.16
CA VAL A 215 -54.31 9.94 -35.55
C VAL A 215 -54.43 9.70 -34.05
N GLN A 216 -53.74 8.68 -33.55
CA GLN A 216 -53.70 8.41 -32.12
C GLN A 216 -52.26 8.79 -31.72
N LYS A 217 -52.10 9.98 -31.15
CA LYS A 217 -50.76 10.43 -30.77
C LYS A 217 -50.33 9.66 -29.54
N ILE A 218 -49.08 9.24 -29.51
CA ILE A 218 -48.53 8.47 -28.41
C ILE A 218 -47.74 9.44 -27.54
N GLN A 219 -47.90 9.30 -26.23
CA GLN A 219 -47.18 10.19 -25.31
C GLN A 219 -46.28 9.30 -24.49
N LYS A 220 -45.09 9.79 -24.21
CA LYS A 220 -44.15 9.03 -23.38
C LYS A 220 -43.37 9.93 -22.42
N GLU A 221 -43.37 9.59 -21.13
CA GLU A 221 -42.57 10.29 -20.13
C GLU A 221 -41.15 9.71 -20.07
N LEU A 222 -40.16 10.58 -20.08
CA LEU A 222 -38.72 10.15 -20.01
C LEU A 222 -38.09 10.76 -18.76
N THR A 223 -37.38 9.94 -18.00
CA THR A 223 -36.71 10.36 -16.80
C THR A 223 -35.24 9.97 -16.92
N PHE A 224 -34.36 10.94 -16.74
CA PHE A 224 -32.92 10.67 -16.76
C PHE A 224 -32.38 11.00 -15.39
N ASN A 225 -31.54 10.11 -14.86
CA ASN A 225 -30.93 10.35 -13.59
C ASN A 225 -29.60 10.93 -13.91
N CYS A 226 -29.41 12.21 -13.59
CA CYS A 226 -28.18 12.92 -13.92
C CYS A 226 -27.30 13.18 -12.62
N THR A 227 -25.99 13.37 -12.82
CA THR A 227 -25.09 13.50 -11.71
CA THR A 227 -25.18 13.66 -11.70
C THR A 227 -24.04 14.54 -12.12
N ASN A 228 -23.64 15.40 -11.16
CA ASN A 228 -22.50 16.31 -11.32
C ASN A 228 -22.74 17.40 -12.31
N ILE A 229 -24.03 17.73 -12.44
CA ILE A 229 -24.53 18.82 -13.27
C ILE A 229 -25.14 19.93 -12.42
N SER A 230 -24.47 21.08 -12.44
N SER A 230 -24.49 21.07 -12.47
CA SER A 230 -24.83 22.21 -11.61
CA SER A 230 -24.87 22.22 -11.68
C SER A 230 -26.04 22.96 -12.19
C SER A 230 -26.10 22.94 -12.21
N ASP A 231 -26.67 23.79 -11.37
CA ASP A 231 -27.78 24.64 -11.87
C ASP A 231 -27.22 25.51 -12.98
N GLY A 232 -28.09 25.94 -13.86
CA GLY A 232 -27.65 26.84 -14.92
C GLY A 232 -27.26 26.07 -16.17
N VAL A 233 -27.00 24.75 -16.08
CA VAL A 233 -26.74 23.96 -17.23
CA VAL A 233 -26.74 23.97 -17.25
C VAL A 233 -28.09 23.54 -17.87
N HIS A 234 -28.22 23.74 -19.18
CA HIS A 234 -29.39 23.35 -19.95
C HIS A 234 -29.11 21.94 -20.47
N ILE A 235 -30.12 21.08 -20.37
CA ILE A 235 -30.02 19.68 -20.62
C ILE A 235 -31.07 19.31 -21.64
N TYR A 236 -30.62 18.80 -22.79
CA TYR A 236 -31.49 18.64 -23.93
C TYR A 236 -31.54 17.22 -24.38
N LEU A 237 -32.60 16.89 -25.11
CA LEU A 237 -32.74 15.61 -25.73
C LEU A 237 -32.53 15.91 -27.22
N SER A 238 -31.93 14.93 -27.90
N SER A 238 -31.77 15.04 -27.89
CA SER A 238 -31.61 15.00 -29.31
CA SER A 238 -31.63 15.06 -29.37
C SER A 238 -31.74 13.62 -29.91
C SER A 238 -31.75 13.64 -29.92
N LEU A 239 -31.99 13.54 -31.21
CA LEU A 239 -32.20 12.26 -31.87
C LEU A 239 -31.26 12.00 -32.98
N GLU A 240 -30.75 10.77 -32.94
CA GLU A 240 -29.84 10.23 -33.93
C GLU A 240 -30.67 9.23 -34.69
N GLY A 241 -30.86 9.45 -35.98
CA GLY A 241 -31.71 8.53 -36.77
C GLY A 241 -31.70 8.87 -38.25
N THR A 242 -32.08 7.93 -39.11
CA THR A 242 -32.18 8.23 -40.54
C THR A 242 -33.41 9.10 -40.88
N PRO A 243 -33.22 10.32 -41.37
CA PRO A 243 -34.40 11.07 -41.77
C PRO A 243 -35.07 10.51 -43.00
N ASN A 244 -36.35 10.75 -43.11
CA ASN A 244 -37.12 10.42 -44.29
C ASN A 244 -36.67 11.39 -45.35
N ALA A 245 -36.52 10.89 -46.57
CA ALA A 245 -35.92 11.73 -47.60
C ALA A 245 -36.84 12.86 -48.05
N ALA A 246 -38.12 12.57 -48.26
CA ALA A 246 -39.10 13.60 -48.63
C ALA A 246 -39.40 14.55 -47.52
N TYR A 247 -39.40 14.08 -46.27
CA TYR A 247 -39.74 14.95 -45.13
C TYR A 247 -38.83 14.64 -43.97
N PRO A 248 -37.65 15.30 -43.95
CA PRO A 248 -36.52 15.04 -43.08
C PRO A 248 -36.77 15.32 -41.60
N SER A 249 -37.83 16.06 -41.28
CA SER A 249 -38.29 16.26 -39.91
C SER A 249 -38.73 14.94 -39.33
N ALA A 250 -39.08 14.00 -40.19
CA ALA A 250 -39.51 12.67 -39.78
C ALA A 250 -38.40 11.62 -39.83
N ILE A 251 -38.45 10.65 -38.92
CA ILE A 251 -37.56 9.51 -38.85
C ILE A 251 -38.06 8.45 -39.83
N SER A 252 -37.12 7.82 -40.53
CA SER A 252 -37.44 6.78 -41.51
C SER A 252 -38.23 5.62 -40.92
N LEU A 253 -39.30 5.21 -41.64
CA LEU A 253 -39.92 3.95 -41.35
C LEU A 253 -39.76 2.89 -42.46
N GLY A 254 -38.77 3.10 -43.32
CA GLY A 254 -38.51 2.15 -44.38
C GLY A 254 -39.63 2.11 -45.39
N ASN A 255 -40.22 3.27 -45.60
CA ASN A 255 -41.22 3.51 -46.59
C ASN A 255 -41.12 4.99 -46.94
N ALA A 256 -41.17 5.31 -48.22
CA ALA A 256 -40.89 6.69 -48.62
C ALA A 256 -42.04 7.64 -48.22
N ASP A 257 -43.23 7.10 -48.04
CA ASP A 257 -44.46 7.88 -47.98
C ASP A 257 -45.00 8.10 -46.54
N VAL A 258 -44.39 7.42 -45.57
CA VAL A 258 -44.76 7.57 -44.17
C VAL A 258 -43.50 7.61 -43.35
N GLY A 259 -43.60 8.34 -42.22
CA GLY A 259 -42.52 8.53 -41.32
C GLY A 259 -42.97 8.71 -39.89
N ALA A 260 -42.00 8.73 -38.99
CA ALA A 260 -42.22 8.95 -37.55
C ALA A 260 -41.82 10.32 -37.07
N VAL A 261 -42.69 11.00 -36.32
CA VAL A 261 -42.33 12.28 -35.75
C VAL A 261 -42.38 12.19 -34.26
N ILE A 262 -41.37 12.79 -33.66
CA ILE A 262 -41.34 13.07 -32.25
CA ILE A 262 -41.26 13.06 -32.24
C ILE A 262 -41.30 14.58 -32.08
N GLU A 263 -42.15 15.07 -31.16
CA GLU A 263 -42.20 16.49 -30.89
C GLU A 263 -42.40 16.73 -29.39
N ASP A 264 -42.47 18.00 -28.99
CA ASP A 264 -42.56 18.31 -27.60
C ASP A 264 -43.96 18.50 -27.04
N GLY A 265 -44.97 18.27 -27.82
CA GLY A 265 -46.39 18.40 -27.37
C GLY A 265 -46.94 19.74 -27.82
N LYS A 266 -46.06 20.65 -28.26
CA LYS A 266 -46.41 21.99 -28.68
C LYS A 266 -46.15 22.20 -30.13
N GLY A 267 -45.90 21.10 -30.86
CA GLY A 267 -45.65 21.16 -32.30
C GLY A 267 -44.19 21.40 -32.70
N ASN A 268 -43.26 21.44 -31.75
CA ASN A 268 -41.87 21.63 -32.09
C ASN A 268 -41.24 20.25 -32.26
N ILE A 269 -40.97 19.93 -33.51
CA ILE A 269 -40.50 18.60 -33.90
C ILE A 269 -39.01 18.48 -33.53
N LEU A 270 -38.66 17.38 -32.91
CA LEU A 270 -37.27 17.00 -32.64
C LEU A 270 -36.78 16.19 -33.81
N LYS A 271 -36.03 16.86 -34.69
CA LYS A 271 -35.63 16.31 -35.97
C LYS A 271 -34.41 15.42 -35.86
N PRO A 272 -34.42 14.30 -36.59
CA PRO A 272 -33.30 13.41 -36.47
C PRO A 272 -32.05 13.92 -37.20
N ASN A 273 -30.90 13.64 -36.65
CA ASN A 273 -29.63 13.99 -37.27
C ASN A 273 -29.59 15.47 -37.66
N ASP A 274 -29.96 16.32 -36.73
CA ASP A 274 -29.96 17.73 -36.97
C ASP A 274 -29.42 18.38 -35.68
N SER A 275 -28.19 18.90 -35.72
CA SER A 275 -27.54 19.37 -34.48
C SER A 275 -28.15 20.66 -33.92
N ASN A 276 -29.01 21.30 -34.72
CA ASN A 276 -29.78 22.45 -34.25
C ASN A 276 -31.14 22.11 -33.66
N SER A 277 -31.55 20.84 -33.73
CA SER A 277 -32.86 20.46 -33.21
C SER A 277 -32.71 19.79 -31.85
N LEU A 278 -33.10 20.52 -30.82
CA LEU A 278 -32.93 20.09 -29.42
C LEU A 278 -34.19 20.32 -28.63
N LEU A 279 -34.49 19.41 -27.71
CA LEU A 279 -35.66 19.55 -26.85
C LEU A 279 -35.21 19.73 -25.42
N GLU A 280 -35.43 20.93 -24.92
CA GLU A 280 -34.88 21.28 -23.61
C GLU A 280 -35.68 20.55 -22.55
N MET A 281 -35.02 19.78 -21.70
CA MET A 281 -35.71 19.05 -20.64
C MET A 281 -35.78 19.90 -19.36
N ASN A 282 -36.67 19.53 -18.46
CA ASN A 282 -36.77 20.13 -17.11
C ASN A 282 -35.61 19.60 -16.31
N PRO A 283 -34.69 20.45 -15.89
CA PRO A 283 -33.50 19.91 -15.24
C PRO A 283 -33.66 19.44 -13.78
N GLY A 284 -34.84 19.68 -13.22
CA GLY A 284 -35.12 19.31 -11.83
C GLY A 284 -34.19 20.09 -10.84
N SER A 285 -34.13 19.59 -9.61
CA SER A 285 -33.38 20.21 -8.50
C SER A 285 -32.40 19.20 -7.91
N LEU A 286 -31.24 19.69 -7.56
CA LEU A 286 -30.26 18.87 -6.91
C LEU A 286 -30.72 18.23 -5.61
N TYR A 287 -30.31 16.99 -5.43
CA TYR A 287 -30.56 16.29 -4.19
C TYR A 287 -29.39 15.34 -4.01
N GLU A 288 -29.20 14.88 -2.77
CA GLU A 288 -28.00 14.08 -2.44
C GLU A 288 -26.74 14.73 -3.01
N TYR A 289 -26.65 16.04 -2.73
CA TYR A 289 -25.58 16.88 -3.18
C TYR A 289 -25.46 17.13 -4.70
N VAL A 290 -25.29 16.06 -5.49
CA VAL A 290 -24.88 16.20 -6.88
C VAL A 290 -25.84 15.56 -7.90
N LYS A 291 -26.95 15.00 -7.44
CA LYS A 291 -27.90 14.30 -8.34
C LYS A 291 -29.06 15.19 -8.73
N ARG A 292 -29.57 15.00 -9.94
CA ARG A 292 -30.83 15.61 -10.27
C ARG A 292 -31.59 14.73 -11.26
N LYS A 293 -32.92 14.77 -11.18
CA LYS A 293 -33.77 13.99 -12.05
C LYS A 293 -34.31 14.90 -13.16
N VAL A 294 -34.01 14.54 -14.38
CA VAL A 294 -34.26 15.37 -15.52
C VAL A 294 -35.41 14.69 -16.30
N THR A 295 -36.46 15.45 -16.61
CA THR A 295 -37.67 14.84 -17.15
C THR A 295 -38.17 15.61 -18.37
N THR A 296 -38.87 14.89 -19.24
CA THR A 296 -39.67 15.51 -20.29
C THR A 296 -40.75 14.50 -20.70
N THR A 297 -41.77 14.98 -21.40
N THR A 297 -41.77 14.95 -21.43
CA THR A 297 -42.60 14.07 -22.15
CA THR A 297 -42.73 14.03 -22.00
C THR A 297 -42.35 14.31 -23.62
C THR A 297 -42.74 14.29 -23.52
N ILE A 298 -42.48 13.28 -24.39
CA ILE A 298 -42.45 13.46 -25.86
C ILE A 298 -43.79 12.97 -26.40
N THR A 299 -44.24 13.55 -27.51
CA THR A 299 -45.39 13.12 -28.19
C THR A 299 -44.92 12.61 -29.57
N ALA A 300 -45.45 11.48 -29.99
CA ALA A 300 -45.01 10.81 -31.19
C ALA A 300 -46.20 10.45 -32.06
N TYR A 301 -46.03 10.49 -33.37
CA TYR A 301 -47.07 10.06 -34.27
C TYR A 301 -46.51 9.83 -35.65
N PRO A 302 -47.22 9.04 -36.47
CA PRO A 302 -46.77 8.86 -37.84
C PRO A 302 -47.23 10.04 -38.63
N VAL A 303 -46.58 10.33 -39.76
CA VAL A 303 -46.97 11.45 -40.61
C VAL A 303 -46.91 10.92 -42.04
N SER A 304 -47.71 11.52 -42.94
CA SER A 304 -47.50 11.40 -44.38
C SER A 304 -46.34 12.25 -44.73
N THR A 305 -45.37 11.70 -45.47
CA THR A 305 -44.15 12.43 -45.83
C THR A 305 -44.28 13.04 -47.26
N THR A 306 -45.12 12.39 -48.09
CA THR A 306 -45.25 12.72 -49.49
C THR A 306 -46.65 13.07 -49.95
N GLY A 307 -47.64 12.73 -49.15
CA GLY A 307 -49.00 12.91 -49.56
C GLY A 307 -49.50 11.74 -50.36
N LYS A 308 -48.62 10.80 -50.71
CA LYS A 308 -49.03 9.66 -51.53
C LYS A 308 -49.68 8.52 -50.73
N LEU A 309 -50.58 7.79 -51.36
CA LEU A 309 -51.12 6.56 -50.78
C LEU A 309 -49.97 5.57 -50.46
N PRO A 310 -49.71 5.27 -49.19
CA PRO A 310 -48.64 4.30 -48.92
C PRO A 310 -49.08 2.85 -49.13
N ALA A 311 -48.14 1.97 -49.43
CA ALA A 311 -48.43 0.56 -49.61
C ALA A 311 -48.77 -0.11 -48.30
N ALA A 312 -49.69 -1.09 -48.34
CA ALA A 312 -49.93 -1.93 -47.14
C ALA A 312 -48.62 -2.58 -46.69
N GLY A 313 -48.45 -2.73 -45.38
CA GLY A 313 -47.32 -3.47 -44.80
C GLY A 313 -47.16 -3.16 -43.32
N ASP A 314 -46.10 -3.75 -42.75
CA ASP A 314 -45.71 -3.56 -41.40
C ASP A 314 -44.34 -2.85 -41.40
N TYR A 315 -44.29 -1.63 -40.87
CA TYR A 315 -43.15 -0.76 -41.02
C TYR A 315 -42.60 -0.52 -39.65
N SER A 316 -41.31 -0.32 -39.63
CA SER A 316 -40.69 -0.04 -38.39
C SER A 316 -39.49 0.89 -38.57
N GLY A 317 -39.04 1.48 -37.47
CA GLY A 317 -37.87 2.35 -37.55
C GLY A 317 -37.33 2.61 -36.14
N VAL A 318 -36.22 3.34 -36.09
CA VAL A 318 -35.51 3.59 -34.83
C VAL A 318 -34.96 5.00 -34.75
N ALA A 319 -34.85 5.50 -33.53
CA ALA A 319 -34.14 6.77 -33.27
C ALA A 319 -33.47 6.67 -31.90
N THR A 320 -32.18 6.96 -31.84
CA THR A 320 -31.42 6.87 -30.65
C THR A 320 -31.41 8.23 -29.97
N MET A 321 -31.82 8.20 -28.72
CA MET A 321 -31.86 9.40 -27.90
C MET A 321 -30.41 9.73 -27.43
N HIS A 322 -30.08 10.98 -27.47
CA HIS A 322 -28.86 11.48 -26.82
C HIS A 322 -29.29 12.50 -25.83
N VAL A 323 -28.48 12.70 -24.80
CA VAL A 323 -28.68 13.84 -23.89
C VAL A 323 -27.42 14.76 -24.12
N GLU A 324 -27.66 16.06 -24.30
CA GLU A 324 -26.65 17.06 -24.59
C GLU A 324 -26.77 18.16 -23.55
N LEU A 325 -25.63 18.72 -23.15
CA LEU A 325 -25.56 19.82 -22.20
C LEU A 325 -25.01 21.10 -22.79
N ASP A 326 -25.48 22.23 -22.29
CA ASP A 326 -24.76 23.45 -22.50
C ASP A 326 -24.86 24.34 -21.27
N THR A 338 -22.61 22.51 -27.59
CA THR A 338 -23.05 21.49 -26.61
C THR A 338 -22.09 20.28 -26.40
N THR A 339 -22.21 19.65 -25.23
CA THR A 339 -21.54 18.43 -24.85
C THR A 339 -22.48 17.25 -25.05
N ASP A 340 -22.11 16.28 -25.86
CA ASP A 340 -22.98 15.10 -26.13
C ASP A 340 -22.66 14.00 -25.12
N LEU A 341 -23.58 13.67 -24.23
CA LEU A 341 -23.29 12.68 -23.15
C LEU A 341 -23.40 11.27 -23.71
N GLY A 342 -23.89 11.17 -24.93
CA GLY A 342 -23.94 9.88 -25.62
C GLY A 342 -25.32 9.25 -25.73
N ALA A 343 -25.38 8.12 -26.41
CA ALA A 343 -26.67 7.40 -26.64
C ALA A 343 -27.22 6.86 -25.33
N LYS A 344 -28.49 7.12 -25.09
CA LYS A 344 -29.16 6.70 -23.84
C LYS A 344 -30.34 5.77 -24.06
N GLY A 345 -30.48 5.25 -25.26
CA GLY A 345 -31.61 4.36 -25.51
C GLY A 345 -32.14 4.61 -26.90
N THR A 346 -32.63 3.53 -27.54
CA THR A 346 -33.16 3.58 -28.90
C THR A 346 -34.68 3.37 -28.91
N LEU A 347 -35.40 4.38 -29.32
CA LEU A 347 -36.85 4.30 -29.54
C LEU A 347 -37.11 3.42 -30.77
N LYS A 348 -38.07 2.52 -30.65
CA LYS A 348 -38.43 1.54 -31.68
C LYS A 348 -39.88 1.76 -32.10
N PHE A 349 -40.04 2.22 -33.32
CA PHE A 349 -41.31 2.62 -33.91
C PHE A 349 -41.90 1.49 -34.67
N SER A 350 -43.23 1.31 -34.55
CA SER A 350 -43.95 0.35 -35.40
C SER A 350 -45.16 0.99 -35.96
N LEU A 351 -45.49 0.68 -37.21
CA LEU A 351 -46.73 1.21 -37.89
C LEU A 351 -47.23 0.15 -38.82
N LYS A 352 -48.54 -0.07 -38.82
CA LYS A 352 -49.15 -1.01 -39.77
C LYS A 352 -50.09 -0.22 -40.65
N ILE A 353 -49.99 -0.45 -41.95
CA ILE A 353 -50.88 0.15 -42.94
C ILE A 353 -51.60 -0.97 -43.65
N SER A 354 -52.92 -1.01 -43.52
CA SER A 354 -53.66 -2.14 -44.13
C SER A 354 -54.18 -1.72 -45.54
N ALA B 1 -25.32 -14.16 -24.54
CA ALA B 1 -26.62 -13.93 -23.92
C ALA B 1 -26.60 -12.77 -22.92
N ASP B 2 -25.54 -12.58 -22.13
CA ASP B 2 -25.52 -11.46 -21.15
C ASP B 2 -24.11 -11.04 -20.84
N TRP B 3 -23.99 -9.83 -20.29
CA TRP B 3 -22.77 -9.44 -19.59
C TRP B 3 -22.41 -10.46 -18.56
N GLY B 4 -21.14 -10.79 -18.49
CA GLY B 4 -20.70 -11.85 -17.60
C GLY B 4 -19.21 -11.97 -17.48
N PRO B 5 -18.73 -13.12 -17.01
CA PRO B 5 -17.33 -13.24 -16.70
C PRO B 5 -16.34 -13.10 -17.84
N CYS B 6 -15.12 -12.79 -17.42
CA CYS B 6 -14.01 -12.68 -18.30
C CYS B 6 -13.07 -13.86 -18.08
N ARG B 7 -12.36 -14.23 -19.14
CA ARG B 7 -11.44 -15.37 -19.13
C ARG B 7 -10.26 -14.93 -20.01
N THR B 8 -9.10 -15.59 -19.84
CA THR B 8 -7.99 -15.44 -20.73
C THR B 8 -8.30 -16.09 -22.06
N ALA B 9 -7.56 -15.71 -23.08
CA ALA B 9 -7.69 -16.32 -24.43
C ALA B 9 -7.61 -17.82 -24.37
N SER B 10 -6.63 -18.32 -23.61
CA SER B 10 -6.42 -19.77 -23.49
C SER B 10 -7.48 -20.43 -22.67
N GLY B 11 -8.04 -19.68 -21.74
CA GLY B 11 -8.97 -20.18 -20.76
C GLY B 11 -8.32 -20.47 -19.41
N ASP B 12 -7.01 -20.62 -19.40
CA ASP B 12 -6.19 -20.91 -18.23
C ASP B 12 -5.68 -19.56 -17.64
N PRO B 13 -5.69 -19.41 -16.30
CA PRO B 13 -5.19 -18.12 -15.81
C PRO B 13 -3.74 -17.84 -16.16
N PHE B 14 -3.46 -16.56 -16.32
CA PHE B 14 -2.07 -16.11 -16.56
C PHE B 14 -1.40 -16.07 -15.19
N ILE B 15 -0.23 -16.64 -15.10
CA ILE B 15 0.49 -16.73 -13.82
C ILE B 15 1.62 -15.74 -13.74
N PHE B 16 1.50 -14.80 -12.83
CA PHE B 16 2.52 -13.77 -12.57
C PHE B 16 3.43 -14.36 -11.49
N VAL B 17 4.73 -14.15 -11.64
CA VAL B 17 5.76 -14.74 -10.77
C VAL B 17 6.37 -13.63 -9.92
N THR B 18 6.36 -13.83 -8.60
CA THR B 18 6.86 -12.89 -7.60
C THR B 18 7.80 -13.59 -6.63
N SER B 19 8.67 -12.80 -5.99
CA SER B 19 9.60 -13.38 -5.04
C SER B 19 10.25 -12.29 -4.21
N PHE B 20 10.72 -12.66 -3.04
CA PHE B 20 11.49 -11.72 -2.25
C PHE B 20 12.49 -12.44 -1.34
N THR B 21 13.48 -11.68 -0.88
CA THR B 21 14.39 -12.16 0.16
C THR B 21 14.29 -11.12 1.31
N LYS B 22 14.05 -11.62 2.52
CA LYS B 22 14.01 -10.82 3.73
C LYS B 22 15.05 -11.32 4.73
N ASN B 23 15.99 -10.43 5.10
N ASN B 23 16.07 -10.49 5.09
CA ASN B 23 16.99 -10.75 6.09
CA ASN B 23 16.96 -10.81 6.22
C ASN B 23 16.65 -9.90 7.37
C ASN B 23 16.58 -9.90 7.39
N ILE B 24 16.33 -10.52 8.49
CA ILE B 24 15.95 -9.86 9.68
C ILE B 24 17.25 -9.70 10.46
N GLN B 25 17.72 -8.47 10.45
CA GLN B 25 19.06 -8.09 10.94
C GLN B 25 19.17 -8.08 12.47
N ASN B 26 18.13 -7.63 13.15
CA ASN B 26 18.17 -7.54 14.59
C ASN B 26 17.69 -8.88 15.17
N PRO B 27 18.53 -9.58 15.89
CA PRO B 27 18.17 -10.93 16.45
C PRO B 27 16.85 -10.92 17.17
N THR B 28 16.64 -9.95 18.04
CA THR B 28 15.43 -9.91 18.85
C THR B 28 14.13 -9.53 18.16
N ASP B 29 14.19 -9.09 16.89
CA ASP B 29 12.99 -8.88 16.08
C ASP B 29 12.33 -10.17 15.66
N ASN B 30 13.03 -11.29 15.81
CA ASN B 30 12.46 -12.58 15.42
C ASN B 30 11.52 -13.08 16.51
N VAL B 31 10.33 -12.46 16.57
N VAL B 31 10.28 -12.59 16.47
CA VAL B 31 9.31 -12.77 17.56
CA VAL B 31 9.33 -12.77 17.54
C VAL B 31 7.97 -12.94 16.92
C VAL B 31 7.95 -12.88 16.97
N THR B 32 7.12 -13.72 17.57
CA THR B 32 5.70 -13.72 17.17
C THR B 32 5.14 -12.29 17.08
N GLY B 33 4.55 -12.02 15.92
CA GLY B 33 3.81 -10.81 15.65
C GLY B 33 4.64 -9.76 14.97
N GLN B 34 5.92 -10.01 14.71
CA GLN B 34 6.78 -9.04 14.01
C GLN B 34 6.17 -8.88 12.59
N THR B 35 6.00 -7.63 12.12
CA THR B 35 5.28 -7.37 10.87
C THR B 35 6.16 -6.44 10.02
N TYR B 36 6.20 -6.73 8.74
CA TYR B 36 6.91 -5.97 7.73
C TYR B 36 5.79 -5.57 6.76
N PRO B 37 5.16 -4.43 7.01
CA PRO B 37 4.05 -3.96 6.16
C PRO B 37 4.44 -3.44 4.78
N ASP B 38 3.76 -3.97 3.73
CA ASP B 38 3.95 -3.39 2.39
C ASP B 38 5.40 -3.17 2.04
N PHE B 39 6.18 -4.22 2.28
CA PHE B 39 7.67 -4.17 2.22
C PHE B 39 8.23 -4.54 0.89
N TYR B 40 7.45 -5.28 0.09
CA TYR B 40 7.89 -5.75 -1.19
C TYR B 40 6.75 -5.38 -2.18
N GLN B 41 7.13 -4.77 -3.28
CA GLN B 41 6.19 -4.40 -4.31
C GLN B 41 6.63 -4.99 -5.63
N TRP B 42 5.71 -5.68 -6.27
CA TRP B 42 5.98 -6.25 -7.62
C TRP B 42 5.41 -5.32 -8.71
N ALA B 43 6.19 -5.14 -9.77
CA ALA B 43 5.72 -4.38 -10.89
C ALA B 43 6.26 -5.10 -12.15
N LEU B 44 5.47 -5.99 -12.66
CA LEU B 44 5.92 -7.00 -13.65
C LEU B 44 5.64 -6.53 -15.07
N GLY B 45 6.39 -7.04 -16.02
CA GLY B 45 6.25 -6.60 -17.42
C GLY B 45 5.41 -7.56 -18.33
N ASP B 46 4.78 -8.56 -17.72
CA ASP B 46 4.00 -9.58 -18.37
C ASP B 46 2.54 -9.10 -18.55
N LYS B 47 1.94 -9.59 -19.63
CA LYS B 47 0.59 -9.20 -19.94
C LYS B 47 -0.07 -10.41 -20.57
N TYR B 48 -1.36 -10.32 -20.76
CA TYR B 48 -2.14 -11.43 -21.27
C TYR B 48 -3.31 -10.90 -22.02
N SER B 49 -3.97 -11.84 -22.68
N SER B 49 -3.96 -11.80 -22.72
CA SER B 49 -5.14 -11.61 -23.51
CA SER B 49 -5.14 -11.42 -23.49
C SER B 49 -6.38 -12.06 -22.81
C SER B 49 -6.36 -12.08 -22.95
N GLY B 50 -7.49 -11.38 -23.07
CA GLY B 50 -8.72 -11.80 -22.43
C GLY B 50 -9.96 -11.45 -23.22
N VAL B 51 -11.05 -12.05 -22.83
CA VAL B 51 -12.36 -11.78 -23.48
C VAL B 51 -13.44 -12.03 -22.45
N CYS B 52 -14.63 -11.39 -22.59
CA CYS B 52 -15.70 -11.55 -21.63
C CYS B 52 -16.96 -12.01 -22.31
N GLU B 53 -17.88 -12.48 -21.50
CA GLU B 53 -19.24 -12.70 -21.95
C GLU B 53 -20.01 -11.36 -22.04
N CYS B 54 -20.73 -11.19 -23.12
CA CYS B 54 -21.49 -10.00 -23.34
C CYS B 54 -22.81 -10.38 -24.07
N PRO B 55 -23.77 -9.45 -24.15
CA PRO B 55 -25.01 -9.82 -24.86
C PRO B 55 -24.78 -10.24 -26.29
N SER B 56 -23.74 -9.76 -26.91
CA SER B 56 -23.41 -10.22 -28.28
C SER B 56 -21.96 -9.92 -28.45
N PRO B 57 -21.33 -10.32 -29.57
CA PRO B 57 -19.91 -10.04 -29.74
C PRO B 57 -19.60 -8.55 -30.01
N ASN B 58 -20.60 -7.79 -30.46
CA ASN B 58 -20.47 -6.35 -30.71
C ASN B 58 -21.68 -5.64 -30.10
N PRO B 59 -21.71 -5.53 -28.74
CA PRO B 59 -22.90 -5.04 -28.03
C PRO B 59 -23.07 -3.56 -28.27
N THR B 60 -24.32 -3.11 -28.20
CA THR B 60 -24.57 -1.69 -28.31
C THR B 60 -23.93 -0.86 -27.20
N GLU B 61 -24.11 -1.32 -25.97
CA GLU B 61 -23.54 -0.70 -24.80
C GLU B 61 -22.12 -1.23 -24.56
N ALA B 62 -21.43 -0.54 -23.69
CA ALA B 62 -20.14 -0.93 -23.22
C ALA B 62 -20.25 -1.14 -21.68
N ARG B 63 -19.26 -1.83 -21.10
CA ARG B 63 -19.19 -2.05 -19.65
C ARG B 63 -17.75 -2.05 -19.17
N PRO B 64 -17.53 -1.50 -17.99
CA PRO B 64 -16.21 -1.58 -17.43
C PRO B 64 -15.95 -2.99 -16.93
N THR B 65 -14.67 -3.31 -16.74
CA THR B 65 -14.36 -4.63 -16.18
C THR B 65 -14.28 -4.51 -14.67
N LEU B 66 -14.91 -5.45 -14.00
CA LEU B 66 -14.93 -5.49 -12.54
C LEU B 66 -14.11 -6.68 -12.05
N TYR B 67 -13.36 -6.46 -10.97
CA TYR B 67 -12.40 -7.47 -10.53
C TYR B 67 -12.66 -7.95 -9.08
N LYS B 68 -12.38 -9.23 -8.85
CA LYS B 68 -12.46 -9.91 -7.57
C LYS B 68 -11.11 -10.63 -7.33
N THR B 69 -10.69 -10.69 -6.06
CA THR B 69 -9.57 -11.47 -5.64
C THR B 69 -10.01 -12.35 -4.51
N GLU B 70 -9.43 -13.54 -4.53
CA GLU B 70 -9.59 -14.55 -3.50
C GLU B 70 -8.28 -15.21 -3.23
N SER B 71 -8.12 -15.69 -2.02
CA SER B 71 -6.99 -16.56 -1.67
C SER B 71 -7.56 -17.84 -1.12
N THR B 72 -6.95 -18.97 -1.43
CA THR B 72 -7.36 -20.26 -0.83
C THR B 72 -6.45 -20.70 0.34
N LEU B 73 -5.41 -19.93 0.60
CA LEU B 73 -4.50 -20.27 1.69
C LEU B 73 -5.28 -20.24 3.05
N ALA B 74 -4.78 -21.00 4.00
CA ALA B 74 -5.39 -21.03 5.33
C ALA B 74 -5.38 -19.61 5.95
N ALA B 75 -6.43 -19.29 6.67
CA ALA B 75 -6.57 -18.00 7.28
C ALA B 75 -5.41 -17.79 8.27
N GLY B 76 -4.93 -16.58 8.38
CA GLY B 76 -3.88 -16.19 9.36
C GLY B 76 -4.45 -15.39 10.53
N HIS B 77 -3.67 -14.45 11.06
CA HIS B 77 -4.00 -13.90 12.38
C HIS B 77 -5.15 -12.91 12.27
N ASN B 78 -5.54 -12.54 11.07
CA ASN B 78 -6.72 -11.71 10.86
C ASN B 78 -7.23 -11.92 9.49
N SER B 79 -8.21 -11.13 9.08
CA SER B 79 -8.95 -11.45 7.85
C SER B 79 -8.23 -11.09 6.56
N THR B 80 -7.08 -10.42 6.62
CA THR B 80 -6.33 -10.11 5.43
C THR B 80 -4.98 -10.75 5.41
N TYR B 81 -4.64 -11.51 6.46
CA TYR B 81 -3.43 -12.33 6.43
C TYR B 81 -3.72 -13.80 6.24
N PHE B 82 -2.83 -14.47 5.53
CA PHE B 82 -3.00 -15.88 5.17
C PHE B 82 -1.68 -16.62 5.38
N LYS B 83 -1.75 -17.90 5.75
CA LYS B 83 -0.54 -18.64 5.98
C LYS B 83 0.12 -19.04 4.74
N ILE B 84 1.42 -18.88 4.73
N ILE B 84 1.39 -18.71 4.63
CA ILE B 84 2.22 -19.20 3.55
CA ILE B 84 2.19 -19.22 3.50
C ILE B 84 3.24 -20.28 3.88
C ILE B 84 3.08 -20.39 3.91
N THR B 85 3.55 -20.41 5.16
CA THR B 85 4.29 -21.54 5.65
C THR B 85 3.80 -21.82 7.04
N ASN B 86 4.38 -22.82 7.66
CA ASN B 86 4.07 -23.05 9.01
C ASN B 86 4.44 -21.86 9.99
N ASN B 87 5.34 -20.96 9.60
CA ASN B 87 5.86 -19.92 10.50
C ASN B 87 5.45 -18.52 10.10
N LEU B 88 5.06 -18.38 8.84
CA LEU B 88 4.83 -17.04 8.21
C LEU B 88 3.48 -16.87 7.61
N GLU B 89 3.01 -15.60 7.60
CA GLU B 89 1.79 -15.19 6.90
C GLU B 89 2.05 -13.98 6.02
N VAL B 90 1.22 -13.83 4.98
CA VAL B 90 1.25 -12.67 4.13
C VAL B 90 -0.07 -12.02 4.01
N SER B 91 -0.03 -10.71 3.73
CA SER B 91 -1.20 -9.93 3.34
C SER B 91 -0.86 -9.25 2.03
N THR B 92 -1.86 -9.10 1.15
N THR B 92 -1.84 -9.08 1.16
CA THR B 92 -1.61 -8.81 -0.30
CA THR B 92 -1.53 -8.62 -0.18
C THR B 92 -2.53 -7.68 -0.77
C THR B 92 -2.48 -7.53 -0.62
N ARG B 93 -1.98 -6.71 -1.53
CA ARG B 93 -2.80 -5.73 -2.26
C ARG B 93 -2.49 -5.98 -3.77
N VAL B 94 -3.51 -5.81 -4.58
CA VAL B 94 -3.37 -5.90 -6.03
C VAL B 94 -3.91 -4.63 -6.67
N TYR B 95 -3.14 -4.14 -7.64
CA TYR B 95 -3.50 -2.94 -8.36
C TYR B 95 -4.65 -3.14 -9.32
N ILE B 96 -5.70 -2.28 -9.21
CA ILE B 96 -6.79 -2.25 -10.16
C ILE B 96 -6.78 -0.82 -10.75
N ALA B 97 -6.67 -0.76 -12.06
CA ALA B 97 -6.67 0.50 -12.84
C ALA B 97 -7.80 1.43 -12.38
N ASN B 98 -7.44 2.70 -12.14
CA ASN B 98 -8.41 3.69 -11.68
C ASN B 98 -9.03 3.49 -10.29
N VAL B 99 -8.39 2.61 -9.51
CA VAL B 99 -8.77 2.34 -8.15
C VAL B 99 -7.59 2.60 -7.26
N GLY B 100 -6.60 1.74 -7.42
CA GLY B 100 -5.35 1.74 -6.67
C GLY B 100 -4.95 0.33 -6.23
N ASN B 101 -4.01 0.21 -5.26
CA ASN B 101 -3.63 -1.05 -4.72
C ASN B 101 -4.62 -1.49 -3.67
N VAL B 102 -5.46 -2.42 -4.03
CA VAL B 102 -6.60 -2.80 -3.25
C VAL B 102 -6.27 -4.04 -2.42
N GLN B 103 -6.62 -3.98 -1.14
N GLN B 103 -6.61 -4.00 -1.15
CA GLN B 103 -6.41 -5.09 -0.18
CA GLN B 103 -6.30 -5.12 -0.27
C GLN B 103 -7.18 -6.37 -0.53
C GLN B 103 -7.15 -6.36 -0.55
N VAL B 104 -6.47 -7.51 -0.66
CA VAL B 104 -7.05 -8.76 -0.93
C VAL B 104 -7.59 -9.36 0.35
N PRO B 105 -8.80 -9.96 0.34
CA PRO B 105 -9.75 -10.11 -0.79
C PRO B 105 -10.60 -8.87 -1.02
N PHE B 106 -11.07 -8.72 -2.28
CA PHE B 106 -11.99 -7.69 -2.63
C PHE B 106 -12.86 -8.19 -3.74
N ILE B 107 -13.94 -7.46 -4.01
CA ILE B 107 -14.87 -7.86 -5.06
C ILE B 107 -15.46 -6.62 -5.73
N ASN B 108 -15.86 -6.76 -7.01
CA ASN B 108 -16.53 -5.72 -7.78
C ASN B 108 -15.77 -4.41 -7.88
N LYS B 109 -14.47 -4.48 -7.99
CA LYS B 109 -13.65 -3.28 -8.13
C LYS B 109 -13.51 -2.94 -9.63
N SER B 110 -14.08 -1.81 -10.01
CA SER B 110 -14.19 -1.45 -11.45
C SER B 110 -12.98 -0.71 -11.94
N ASN B 111 -12.51 -1.04 -13.14
CA ASN B 111 -11.49 -0.28 -13.77
C ASN B 111 -11.96 1.02 -14.40
N SER B 112 -13.25 1.34 -14.31
CA SER B 112 -13.81 2.52 -14.95
C SER B 112 -13.39 2.74 -16.35
N GLN B 113 -13.26 1.66 -17.14
CA GLN B 113 -12.89 1.71 -18.56
C GLN B 113 -13.95 0.93 -19.37
N PRO B 114 -15.03 1.57 -19.68
CA PRO B 114 -16.09 0.82 -20.37
C PRO B 114 -15.51 0.27 -21.70
N GLY B 115 -15.80 -0.97 -21.97
CA GLY B 115 -15.32 -1.59 -23.19
C GLY B 115 -16.28 -2.62 -23.69
N ARG B 116 -15.91 -3.22 -24.80
CA ARG B 116 -16.71 -4.24 -25.48
C ARG B 116 -15.77 -5.40 -25.83
N GLU B 117 -15.01 -5.82 -24.82
CA GLU B 117 -14.10 -7.00 -24.98
C GLU B 117 -14.92 -8.30 -24.95
N CYS B 118 -15.60 -8.58 -26.05
CA CYS B 118 -16.68 -9.55 -26.17
C CYS B 118 -16.59 -10.56 -27.29
N ASP B 119 -15.71 -10.33 -28.23
CA ASP B 119 -15.67 -11.15 -29.45
C ASP B 119 -14.37 -11.96 -29.46
N GLN B 120 -13.32 -11.44 -30.06
CA GLN B 120 -12.01 -12.08 -30.06
C GLN B 120 -11.24 -11.62 -28.82
N PRO B 121 -10.35 -12.44 -28.27
CA PRO B 121 -9.60 -11.82 -27.14
C PRO B 121 -8.78 -10.55 -27.50
N THR B 122 -8.66 -9.63 -26.55
CA THR B 122 -7.95 -8.34 -26.73
C THR B 122 -6.66 -8.40 -25.91
N PHE B 123 -5.65 -7.62 -26.29
CA PHE B 123 -4.28 -7.73 -25.71
C PHE B 123 -4.09 -6.72 -24.66
N GLY B 124 -3.05 -6.92 -23.86
CA GLY B 124 -2.64 -5.92 -22.91
C GLY B 124 -3.36 -5.92 -21.64
N TRP B 125 -4.00 -7.03 -21.28
CA TRP B 125 -4.54 -7.12 -19.94
C TRP B 125 -3.38 -7.31 -18.96
N THR B 126 -3.43 -6.62 -17.82
CA THR B 126 -2.31 -6.65 -16.87
C THR B 126 -2.72 -6.89 -15.44
N THR B 127 -4.03 -7.01 -15.15
CA THR B 127 -4.42 -7.08 -13.72
C THR B 127 -3.81 -8.34 -13.08
N GLY B 128 -3.11 -8.09 -11.96
CA GLY B 128 -2.24 -9.10 -11.35
C GLY B 128 -0.77 -8.73 -11.45
N SER B 129 -0.36 -7.90 -12.45
CA SER B 129 1.00 -7.58 -12.67
C SER B 129 1.69 -6.64 -11.62
N LYS B 130 0.89 -6.01 -10.80
N LYS B 130 0.88 -6.05 -10.77
CA LYS B 130 1.40 -5.04 -9.80
CA LYS B 130 1.38 -5.00 -9.84
C LYS B 130 0.67 -5.29 -8.55
C LYS B 130 0.65 -5.17 -8.55
N GLY B 131 1.42 -5.14 -7.46
CA GLY B 131 0.85 -5.28 -6.16
C GLY B 131 1.93 -5.23 -5.09
N GLN B 132 1.52 -5.42 -3.83
N GLN B 132 1.49 -5.56 -3.86
CA GLN B 132 2.49 -5.28 -2.74
CA GLN B 132 2.28 -5.29 -2.66
C GLN B 132 2.10 -6.25 -1.62
C GLN B 132 2.04 -6.39 -1.66
N LEU B 133 3.11 -6.78 -0.95
CA LEU B 133 2.99 -7.81 0.06
C LEU B 133 3.44 -7.25 1.43
N SER B 134 2.86 -7.83 2.50
CA SER B 134 3.24 -7.62 3.88
C SER B 134 3.57 -9.01 4.46
N LEU B 135 4.51 -9.06 5.39
CA LEU B 135 4.93 -10.32 5.96
C LEU B 135 4.74 -10.25 7.47
N TYR B 136 4.37 -11.36 8.08
CA TYR B 136 4.08 -11.50 9.46
C TYR B 136 4.65 -12.80 9.98
N ILE B 137 5.36 -12.71 11.09
CA ILE B 137 5.93 -13.87 11.79
C ILE B 137 4.90 -14.42 12.75
N ALA B 138 4.26 -15.54 12.38
CA ALA B 138 3.36 -16.23 13.30
C ALA B 138 4.14 -17.04 14.36
N LYS B 139 5.27 -17.62 13.98
CA LYS B 139 6.04 -18.48 14.87
C LYS B 139 7.47 -18.34 14.48
N PRO B 140 8.31 -17.77 15.35
CA PRO B 140 9.74 -17.57 15.00
C PRO B 140 10.48 -18.88 14.72
N PHE B 141 11.44 -18.87 13.80
CA PHE B 141 12.28 -20.08 13.51
C PHE B 141 13.74 -19.69 13.57
N VAL B 142 14.60 -20.68 13.67
CA VAL B 142 16.01 -20.48 13.66
C VAL B 142 16.48 -20.64 12.24
N GLY B 143 17.37 -19.75 11.84
CA GLY B 143 18.16 -19.93 10.61
C GLY B 143 17.50 -19.34 9.36
N GLU B 144 17.02 -20.20 8.45
CA GLU B 144 16.36 -19.71 7.25
C GLU B 144 15.13 -20.50 6.94
N GLN B 145 14.13 -19.86 6.37
CA GLN B 145 13.00 -20.58 5.86
C GLN B 145 12.72 -20.16 4.41
N ASN B 146 12.65 -21.13 3.49
CA ASN B 146 12.26 -20.93 2.11
C ASN B 146 10.80 -21.13 1.92
N ILE B 147 10.19 -20.19 1.21
CA ILE B 147 8.78 -20.21 0.87
C ILE B 147 8.72 -20.88 -0.48
N PRO B 148 8.10 -22.05 -0.55
CA PRO B 148 8.06 -22.73 -1.84
C PRO B 148 7.01 -22.00 -2.71
N GLN B 149 6.99 -22.27 -3.99
CA GLN B 149 6.00 -21.67 -4.92
C GLN B 149 4.58 -21.87 -4.37
N THR B 150 3.90 -20.78 -4.18
CA THR B 150 2.62 -20.77 -3.53
C THR B 150 1.77 -19.79 -4.33
N ILE B 151 0.53 -20.14 -4.68
CA ILE B 151 -0.42 -19.16 -5.26
C ILE B 151 -1.04 -18.38 -4.12
N ILE B 152 -0.72 -17.11 -4.05
CA ILE B 152 -1.21 -16.26 -2.98
C ILE B 152 -2.46 -15.44 -3.30
N VAL B 153 -2.78 -15.30 -4.57
CA VAL B 153 -4.08 -14.63 -4.94
C VAL B 153 -4.48 -15.12 -6.30
N SER B 154 -5.79 -15.25 -6.46
CA SER B 154 -6.44 -15.44 -7.77
C SER B 154 -7.32 -14.17 -8.07
N VAL B 155 -7.23 -13.69 -9.31
CA VAL B 155 -7.93 -12.52 -9.81
C VAL B 155 -8.99 -13.01 -10.79
N PHE B 156 -10.23 -12.54 -10.62
CA PHE B 156 -11.35 -12.90 -11.48
C PHE B 156 -11.91 -11.60 -12.05
N GLY B 157 -12.27 -11.59 -13.32
CA GLY B 157 -12.89 -10.44 -13.91
C GLY B 157 -14.27 -10.76 -14.44
N THR B 158 -15.04 -9.69 -14.54
CA THR B 158 -16.38 -9.74 -15.07
C THR B 158 -16.87 -8.42 -15.64
N LYS B 159 -17.92 -8.53 -16.52
CA LYS B 159 -18.61 -7.34 -16.97
C LYS B 159 -19.96 -7.16 -16.24
N LYS B 160 -20.26 -8.08 -15.34
CA LYS B 160 -21.49 -8.04 -14.51
C LYS B 160 -21.22 -8.24 -13.05
N GLU B 161 -21.60 -7.24 -12.26
CA GLU B 161 -21.42 -7.22 -10.80
C GLU B 161 -21.87 -8.58 -10.22
N ASN B 162 -21.06 -9.10 -9.34
CA ASN B 162 -21.33 -10.34 -8.62
C ASN B 162 -21.45 -11.66 -9.42
N VAL B 163 -21.09 -11.61 -10.71
CA VAL B 163 -21.13 -12.77 -11.52
C VAL B 163 -19.73 -13.05 -11.95
N TYR B 164 -19.15 -14.07 -11.35
CA TYR B 164 -17.78 -14.50 -11.62
C TYR B 164 -17.65 -15.92 -12.02
N SER B 165 -16.65 -16.21 -12.84
CA SER B 165 -16.35 -17.60 -13.16
C SER B 165 -15.58 -18.25 -11.99
N SER B 166 -15.67 -19.56 -11.83
CA SER B 166 -14.72 -20.24 -10.96
C SER B 166 -13.26 -20.25 -11.51
N VAL B 167 -13.03 -19.88 -12.77
CA VAL B 167 -11.68 -19.91 -13.30
C VAL B 167 -11.16 -18.45 -13.32
N PRO B 168 -10.05 -18.18 -12.59
CA PRO B 168 -9.49 -16.86 -12.61
C PRO B 168 -8.89 -16.46 -13.94
N ILE B 169 -8.80 -15.14 -14.19
N ILE B 169 -8.77 -15.16 -14.12
CA ILE B 169 -8.05 -14.66 -15.35
CA ILE B 169 -8.10 -14.65 -15.27
C ILE B 169 -6.51 -14.61 -15.05
C ILE B 169 -6.55 -14.59 -15.04
N SER B 170 -6.15 -14.42 -13.79
CA SER B 170 -4.70 -14.43 -13.43
C SER B 170 -4.53 -14.84 -12.03
N GLN B 171 -3.26 -15.29 -11.78
CA GLN B 171 -2.87 -15.70 -10.43
C GLN B 171 -1.48 -15.16 -10.12
N VAL B 172 -1.20 -14.96 -8.85
CA VAL B 172 0.13 -14.48 -8.44
C VAL B 172 0.81 -15.63 -7.65
N LEU B 173 1.93 -16.12 -8.20
CA LEU B 173 2.74 -17.16 -7.60
C LEU B 173 3.91 -16.51 -6.88
N LEU B 174 4.12 -16.91 -5.65
CA LEU B 174 5.15 -16.35 -4.77
C LEU B 174 6.13 -17.43 -4.32
N SER B 175 7.39 -17.06 -4.26
CA SER B 175 8.45 -17.87 -3.53
C SER B 175 9.32 -16.89 -2.83
N GLY B 176 10.14 -17.36 -1.90
CA GLY B 176 10.96 -16.39 -1.27
C GLY B 176 11.87 -17.04 -0.23
N LYS B 177 12.54 -16.21 0.54
CA LYS B 177 13.44 -16.70 1.64
C LYS B 177 13.50 -15.66 2.72
N VAL B 178 13.39 -16.11 3.97
CA VAL B 178 13.46 -15.26 5.12
C VAL B 178 14.60 -15.81 6.01
N THR B 179 15.52 -14.94 6.40
CA THR B 179 16.57 -15.38 7.30
C THR B 179 16.56 -14.52 8.58
N VAL B 180 17.04 -15.09 9.66
CA VAL B 180 17.15 -14.41 10.95
C VAL B 180 18.62 -14.41 11.36
N THR B 181 18.92 -13.66 12.40
CA THR B 181 20.32 -13.42 12.79
C THR B 181 20.63 -13.87 14.23
N GLN B 182 21.69 -14.67 14.34
CA GLN B 182 22.16 -15.17 15.64
C GLN B 182 22.61 -13.96 16.44
N GLY B 183 22.19 -13.91 17.70
CA GLY B 183 22.68 -12.86 18.61
C GLY B 183 22.69 -13.20 20.06
N CYS B 184 23.52 -12.46 20.80
CA CYS B 184 23.54 -12.56 22.25
C CYS B 184 23.74 -11.16 22.87
N GLU B 185 23.11 -10.90 24.01
CA GLU B 185 23.35 -9.71 24.80
C GLU B 185 23.47 -10.10 26.29
N LEU B 186 24.34 -9.37 26.96
CA LEU B 186 24.56 -9.55 28.41
C LEU B 186 23.29 -9.18 29.19
N ALA B 187 22.89 -9.96 30.18
CA ALA B 187 21.66 -9.60 30.95
C ALA B 187 21.74 -8.15 31.40
N ALA B 188 20.64 -7.43 31.13
CA ALA B 188 20.51 -6.00 31.50
C ALA B 188 20.75 -5.85 32.96
N GLY B 189 21.47 -4.80 33.32
CA GLY B 189 21.71 -4.48 34.71
C GLY B 189 22.89 -5.21 35.34
N THR B 190 23.57 -6.08 34.58
CA THR B 190 24.76 -6.77 35.06
C THR B 190 25.82 -5.72 35.37
N SER B 191 26.29 -5.60 36.60
CA SER B 191 27.36 -4.65 36.88
C SER B 191 28.69 -5.17 36.35
N LEU B 192 29.51 -4.23 35.96
CA LEU B 192 30.72 -4.49 35.20
C LEU B 192 31.96 -4.09 35.99
N ASP B 193 31.77 -3.63 37.23
CA ASP B 193 32.83 -3.16 38.09
C ASP B 193 33.53 -4.31 38.83
N ILE B 194 34.80 -4.50 38.54
CA ILE B 194 35.55 -5.58 39.12
C ILE B 194 36.61 -4.95 40.04
N ASP B 195 36.23 -4.62 41.27
CA ASP B 195 37.18 -3.93 42.16
C ASP B 195 37.93 -4.92 43.05
N PHE B 196 39.23 -5.06 42.82
CA PHE B 196 40.03 -6.00 43.53
C PHE B 196 40.36 -5.53 44.96
N GLY B 197 40.01 -4.28 45.27
CA GLY B 197 40.30 -3.68 46.59
C GLY B 197 41.75 -3.33 46.80
N GLU B 198 42.15 -3.33 48.08
CA GLU B 198 43.43 -2.80 48.50
C GLU B 198 44.35 -3.93 48.96
N TYR B 199 45.64 -3.81 48.61
CA TYR B 199 46.69 -4.70 49.09
C TYR B 199 47.90 -3.87 49.49
N GLN B 200 48.72 -4.47 50.33
CA GLN B 200 50.06 -3.99 50.59
C GLN B 200 50.96 -4.57 49.52
N ALA B 201 51.85 -3.72 49.01
CA ALA B 201 52.75 -4.10 47.91
C ALA B 201 53.52 -5.41 48.16
N HIS B 202 54.04 -5.63 49.37
CA HIS B 202 54.86 -6.84 49.62
C HIS B 202 54.07 -8.13 49.41
N ASP B 203 52.74 -8.07 49.49
CA ASP B 203 51.84 -9.21 49.13
C ASP B 203 52.02 -9.73 47.68
N PHE B 204 52.59 -8.91 46.78
CA PHE B 204 52.89 -9.32 45.40
C PHE B 204 54.34 -9.72 45.13
N LYS B 205 55.26 -9.18 45.94
CA LYS B 205 56.65 -9.47 45.79
C LYS B 205 56.87 -10.99 45.69
N GLY B 206 57.62 -11.39 44.66
CA GLY B 206 58.19 -12.74 44.59
C GLY B 206 57.23 -13.76 44.05
N ARG B 207 56.04 -13.33 43.64
CA ARG B 207 54.97 -14.27 43.23
C ARG B 207 54.59 -14.02 41.78
N THR B 208 55.61 -13.98 40.94
CA THR B 208 55.39 -13.70 39.53
C THR B 208 54.41 -14.72 38.89
N GLY B 209 53.42 -14.24 38.13
CA GLY B 209 52.38 -15.12 37.59
C GLY B 209 51.31 -15.63 38.56
N GLN B 210 51.35 -15.17 39.82
CA GLN B 210 50.47 -15.68 40.87
C GLN B 210 49.62 -14.58 41.52
N PRO B 211 48.49 -14.97 42.13
CA PRO B 211 47.76 -14.01 42.95
C PRO B 211 48.61 -13.59 44.15
N PRO B 212 48.30 -12.45 44.72
CA PRO B 212 49.02 -11.94 45.89
C PRO B 212 48.72 -12.78 47.15
N GLN B 213 49.57 -12.70 48.16
CA GLN B 213 49.20 -13.29 49.46
C GLN B 213 47.98 -12.55 49.94
N ASN B 214 47.10 -13.25 50.64
CA ASN B 214 45.78 -12.66 51.06
C ASN B 214 44.84 -12.28 49.93
N VAL B 215 44.95 -12.98 48.82
CA VAL B 215 44.08 -12.66 47.67
C VAL B 215 42.61 -12.79 48.05
N GLN B 216 41.85 -11.84 47.52
CA GLN B 216 40.40 -11.78 47.45
C GLN B 216 39.96 -11.96 46.01
N LYS B 217 39.55 -13.16 45.62
CA LYS B 217 39.13 -13.46 44.27
C LYS B 217 37.65 -13.15 44.14
N ILE B 218 37.25 -12.77 42.94
CA ILE B 218 35.87 -12.43 42.65
C ILE B 218 35.32 -13.48 41.70
N GLN B 219 34.22 -14.10 42.09
CA GLN B 219 33.62 -15.19 41.35
C GLN B 219 32.26 -14.69 40.84
N LYS B 220 32.24 -14.36 39.56
CA LYS B 220 31.15 -13.60 38.97
C LYS B 220 30.30 -14.42 38.00
N GLU B 221 28.98 -14.46 38.26
CA GLU B 221 28.06 -15.23 37.46
C GLU B 221 27.62 -14.32 36.32
N LEU B 222 27.71 -14.84 35.08
CA LEU B 222 27.24 -14.10 33.88
C LEU B 222 26.15 -14.83 33.18
N THR B 223 25.17 -14.07 32.66
CA THR B 223 24.12 -14.59 31.82
C THR B 223 24.02 -13.69 30.56
N PHE B 224 23.93 -14.36 29.40
CA PHE B 224 23.74 -13.74 28.09
C PHE B 224 22.40 -14.33 27.56
N ASN B 225 21.55 -13.43 27.12
CA ASN B 225 20.30 -13.80 26.49
C ASN B 225 20.59 -13.84 25.02
N CYS B 226 20.51 -15.05 24.46
CA CYS B 226 20.81 -15.29 23.10
C CYS B 226 19.53 -15.66 22.35
N THR B 227 19.56 -15.38 21.06
CA THR B 227 18.41 -15.65 20.14
C THR B 227 18.92 -16.27 18.83
N ASN B 228 18.15 -17.20 18.27
CA ASN B 228 18.34 -17.66 16.90
C ASN B 228 19.58 -18.48 16.74
N ILE B 229 19.93 -19.15 17.82
CA ILE B 229 21.11 -20.02 17.87
C ILE B 229 20.64 -21.48 18.17
N SER B 230 20.94 -22.38 17.25
CA SER B 230 20.44 -23.76 17.33
C SER B 230 21.24 -24.57 18.33
N ASP B 231 20.71 -25.74 18.67
CA ASP B 231 21.45 -26.67 19.46
C ASP B 231 22.66 -27.10 18.68
N GLY B 232 23.74 -27.43 19.40
CA GLY B 232 24.98 -27.89 18.75
C GLY B 232 25.96 -26.76 18.52
N VAL B 233 25.50 -25.50 18.55
CA VAL B 233 26.43 -24.42 18.38
C VAL B 233 27.12 -24.22 19.72
N HIS B 234 28.43 -24.17 19.67
CA HIS B 234 29.21 -23.92 20.87
C HIS B 234 29.32 -22.43 21.01
N ILE B 235 29.10 -21.96 22.24
CA ILE B 235 29.04 -20.57 22.61
C ILE B 235 30.08 -20.21 23.66
N TYR B 236 30.96 -19.29 23.26
CA TYR B 236 32.17 -19.00 24.02
C TYR B 236 32.31 -17.53 24.41
N LEU B 237 33.01 -17.31 25.53
CA LEU B 237 33.34 -15.99 25.97
C LEU B 237 34.80 -15.76 25.55
N SER B 238 35.13 -14.57 25.03
CA SER B 238 36.53 -14.16 24.84
C SER B 238 36.67 -12.76 25.33
N LEU B 239 37.94 -12.29 25.44
CA LEU B 239 38.30 -10.97 25.94
C LEU B 239 39.17 -10.13 25.00
N GLU B 240 38.73 -8.91 24.76
CA GLU B 240 39.51 -7.93 24.03
C GLU B 240 40.09 -6.94 25.08
N GLY B 241 41.42 -6.85 25.14
CA GLY B 241 42.06 -5.79 25.91
C GLY B 241 43.57 -5.95 25.85
N THR B 242 44.31 -5.02 26.46
CA THR B 242 45.78 -4.97 26.32
C THR B 242 46.43 -6.02 27.17
N PRO B 243 47.22 -6.95 26.58
CA PRO B 243 47.95 -7.82 27.49
C PRO B 243 49.01 -7.05 28.29
N ASN B 244 49.22 -7.42 29.56
CA ASN B 244 50.37 -6.93 30.31
C ASN B 244 51.60 -7.45 29.57
N ALA B 245 52.59 -6.58 29.41
CA ALA B 245 53.82 -6.86 28.68
C ALA B 245 54.57 -8.10 29.15
N ALA B 246 54.95 -8.09 30.42
CA ALA B 246 55.76 -9.15 31.04
C ALA B 246 55.00 -10.46 31.23
N TYR B 247 53.69 -10.39 31.49
CA TYR B 247 52.85 -11.58 31.70
C TYR B 247 51.54 -11.45 30.87
N PRO B 248 51.63 -11.74 29.57
CA PRO B 248 50.50 -11.46 28.65
C PRO B 248 49.16 -12.18 28.92
N SER B 249 49.23 -13.24 29.72
CA SER B 249 48.02 -13.89 30.16
C SER B 249 47.14 -12.96 30.95
N ALA B 250 47.74 -11.91 31.52
CA ALA B 250 47.01 -10.90 32.27
C ALA B 250 46.71 -9.63 31.46
N ILE B 251 45.60 -9.02 31.87
CA ILE B 251 45.17 -7.75 31.33
C ILE B 251 45.90 -6.60 32.01
N SER B 252 46.23 -5.58 31.21
CA SER B 252 46.94 -4.42 31.71
C SER B 252 46.13 -3.57 32.69
N LEU B 253 46.83 -3.20 33.74
CA LEU B 253 46.36 -2.23 34.73
C LEU B 253 47.30 -1.04 34.74
N GLY B 254 47.99 -0.83 33.61
CA GLY B 254 48.81 0.36 33.44
C GLY B 254 49.90 0.41 34.46
N ASN B 255 50.46 -0.76 34.73
CA ASN B 255 51.57 -0.92 35.65
C ASN B 255 52.31 -2.20 35.30
N ALA B 256 53.64 -2.11 35.25
CA ALA B 256 54.46 -3.19 34.69
C ALA B 256 54.35 -4.50 35.45
N ASP B 257 54.14 -4.40 36.77
CA ASP B 257 54.40 -5.50 37.67
C ASP B 257 53.17 -6.19 38.27
N VAL B 258 51.98 -5.67 37.94
CA VAL B 258 50.68 -6.26 38.35
C VAL B 258 49.69 -6.23 37.20
N GLY B 259 48.80 -7.22 37.15
CA GLY B 259 47.83 -7.35 36.05
C GLY B 259 46.54 -7.92 36.57
N ALA B 260 45.54 -7.97 35.72
CA ALA B 260 44.28 -8.60 36.06
C ALA B 260 44.13 -9.91 35.32
N VAL B 261 43.75 -10.96 36.04
CA VAL B 261 43.46 -12.26 35.43
C VAL B 261 41.99 -12.66 35.53
N ILE B 262 41.46 -13.08 34.39
CA ILE B 262 40.18 -13.71 34.33
C ILE B 262 40.39 -15.17 33.98
N GLU B 263 39.72 -16.07 34.70
CA GLU B 263 39.79 -17.50 34.42
C GLU B 263 38.46 -18.20 34.68
N ASP B 264 38.37 -19.49 34.37
CA ASP B 264 37.13 -20.25 34.45
C ASP B 264 36.84 -20.85 35.80
N GLY B 265 37.69 -20.62 36.80
CA GLY B 265 37.48 -21.16 38.11
C GLY B 265 38.22 -22.49 38.32
N LYS B 266 38.74 -23.08 37.24
CA LYS B 266 39.61 -24.26 37.33
C LYS B 266 41.02 -23.99 36.90
N GLY B 267 41.48 -22.74 36.92
CA GLY B 267 42.86 -22.42 36.56
C GLY B 267 43.12 -22.08 35.08
N ASN B 268 42.12 -22.22 34.24
CA ASN B 268 42.33 -21.92 32.82
C ASN B 268 42.05 -20.46 32.53
N ILE B 269 43.13 -19.74 32.24
CA ILE B 269 43.08 -18.32 32.05
C ILE B 269 42.44 -17.95 30.68
N LEU B 270 41.53 -16.99 30.72
CA LEU B 270 40.99 -16.46 29.45
C LEU B 270 41.90 -15.29 29.06
N LYS B 271 42.79 -15.49 28.11
CA LYS B 271 43.82 -14.50 27.82
C LYS B 271 43.29 -13.46 26.91
N PRO B 272 43.68 -12.19 27.12
CA PRO B 272 43.12 -11.13 26.29
C PRO B 272 43.79 -11.02 24.94
N ASN B 273 43.05 -10.62 23.92
CA ASN B 273 43.61 -10.47 22.57
C ASN B 273 44.36 -11.73 22.14
N ASP B 274 43.70 -12.86 22.33
CA ASP B 274 44.25 -14.15 21.96
C ASP B 274 43.11 -14.98 21.38
N SER B 275 43.12 -15.15 20.05
CA SER B 275 42.04 -15.82 19.33
C SER B 275 41.84 -17.25 19.76
N ASN B 276 42.90 -17.89 20.25
CA ASN B 276 42.85 -19.28 20.62
C ASN B 276 42.42 -19.39 22.09
N SER B 277 42.23 -18.28 22.81
CA SER B 277 41.79 -18.32 24.19
C SER B 277 40.28 -18.05 24.26
N LEU B 278 39.52 -19.10 24.55
CA LEU B 278 38.06 -19.10 24.62
C LEU B 278 37.60 -19.85 25.84
N LEU B 279 36.43 -19.48 26.36
CA LEU B 279 35.86 -20.16 27.52
C LEU B 279 34.46 -20.58 27.14
N GLU B 280 34.27 -21.88 27.03
CA GLU B 280 33.00 -22.41 26.57
C GLU B 280 31.95 -22.21 27.63
N MET B 281 30.86 -21.56 27.25
CA MET B 281 29.76 -21.32 28.18
C MET B 281 28.70 -22.41 28.12
N ASN B 282 27.82 -22.40 29.11
CA ASN B 282 26.75 -23.34 29.16
C ASN B 282 25.62 -22.78 28.27
N PRO B 283 25.26 -23.50 27.21
CA PRO B 283 24.40 -22.88 26.20
C PRO B 283 22.92 -22.81 26.56
N GLY B 284 22.53 -23.43 27.68
CA GLY B 284 21.11 -23.49 28.08
C GLY B 284 20.28 -24.32 27.13
N SER B 285 18.98 -24.04 27.10
CA SER B 285 18.02 -24.74 26.27
C SER B 285 17.11 -23.77 25.56
N LEU B 286 16.64 -24.18 24.39
CA LEU B 286 15.78 -23.29 23.55
C LEU B 286 14.47 -23.13 24.29
N TYR B 287 14.00 -21.89 24.47
CA TYR B 287 12.62 -21.61 24.97
C TYR B 287 11.99 -20.43 24.19
N GLU B 288 10.66 -20.29 24.26
CA GLU B 288 9.91 -19.36 23.36
C GLU B 288 10.46 -19.43 21.92
N TYR B 289 10.58 -20.67 21.44
CA TYR B 289 10.99 -21.04 20.09
C TYR B 289 12.48 -20.83 19.82
N VAL B 290 13.03 -19.63 20.07
CA VAL B 290 14.35 -19.28 19.51
C VAL B 290 15.35 -18.71 20.53
N LYS B 291 14.95 -18.64 21.78
CA LYS B 291 15.77 -18.05 22.80
C LYS B 291 16.52 -19.08 23.58
N ARG B 292 17.68 -18.68 24.11
CA ARG B 292 18.43 -19.49 25.03
C ARG B 292 19.23 -18.61 26.00
N LYS B 293 19.27 -19.05 27.24
CA LYS B 293 19.95 -18.36 28.34
C LYS B 293 21.32 -19.02 28.54
N VAL B 294 22.38 -18.26 28.30
CA VAL B 294 23.72 -18.80 28.18
C VAL B 294 24.46 -18.31 29.43
N THR B 295 25.13 -19.20 30.12
CA THR B 295 25.71 -18.83 31.40
C THR B 295 27.10 -19.40 31.64
N THR B 296 27.87 -18.66 32.42
CA THR B 296 29.15 -19.12 32.89
C THR B 296 29.47 -18.38 34.20
N THR B 297 30.49 -18.87 34.90
CA THR B 297 31.00 -18.17 36.07
C THR B 297 32.48 -17.94 35.86
N ILE B 298 32.89 -16.69 35.89
CA ILE B 298 34.29 -16.37 35.76
C ILE B 298 34.88 -16.03 37.14
N THR B 299 36.17 -16.28 37.28
CA THR B 299 36.88 -15.91 38.47
C THR B 299 37.93 -14.89 38.10
N ALA B 300 37.99 -13.79 38.88
CA ALA B 300 38.87 -12.66 38.59
C ALA B 300 39.76 -12.34 39.80
N TYR B 301 41.04 -12.05 39.57
CA TYR B 301 41.93 -11.62 40.65
C TYR B 301 43.15 -10.89 40.06
N PRO B 302 43.74 -10.01 40.85
CA PRO B 302 44.97 -9.41 40.41
C PRO B 302 46.10 -10.45 40.54
N VAL B 303 47.16 -10.24 39.78
CA VAL B 303 48.37 -11.07 39.88
C VAL B 303 49.64 -10.24 39.82
N SER B 304 50.72 -10.77 40.42
CA SER B 304 52.07 -10.25 40.16
C SER B 304 52.42 -10.72 38.74
N THR B 305 52.78 -9.80 37.87
CA THR B 305 53.22 -10.13 36.50
C THR B 305 54.74 -10.23 36.30
N THR B 306 55.51 -9.67 37.25
CA THR B 306 57.00 -9.70 37.23
C THR B 306 57.65 -10.20 38.54
N GLY B 307 56.84 -10.35 39.59
CA GLY B 307 57.43 -10.63 40.93
C GLY B 307 58.16 -9.45 41.53
N LYS B 308 58.19 -8.31 40.83
CA LYS B 308 58.82 -7.12 41.45
C LYS B 308 57.83 -6.48 42.42
N LEU B 309 58.40 -5.75 43.37
CA LEU B 309 57.64 -4.98 44.35
C LEU B 309 56.92 -3.86 43.62
N PRO B 310 55.59 -3.89 43.56
CA PRO B 310 54.96 -2.84 42.77
C PRO B 310 54.85 -1.54 43.53
N ALA B 311 54.77 -0.43 42.81
CA ALA B 311 54.65 0.90 43.41
C ALA B 311 53.23 1.16 43.95
N ALA B 312 53.16 1.82 45.11
CA ALA B 312 51.89 2.34 45.61
C ALA B 312 51.18 3.09 44.48
N GLY B 313 49.88 2.85 44.30
CA GLY B 313 49.08 3.66 43.41
C GLY B 313 47.66 3.12 43.34
N ASP B 314 46.80 3.77 42.57
CA ASP B 314 45.46 3.26 42.31
C ASP B 314 45.41 2.97 40.84
N TYR B 315 45.26 1.71 40.48
CA TYR B 315 45.41 1.31 39.10
C TYR B 315 44.10 0.81 38.60
N SER B 316 43.95 0.88 37.28
CA SER B 316 42.79 0.39 36.67
C SER B 316 43.09 -0.10 35.26
N GLY B 317 42.14 -0.88 34.73
CA GLY B 317 42.27 -1.51 33.41
C GLY B 317 40.90 -1.88 32.89
N VAL B 318 40.86 -2.37 31.65
CA VAL B 318 39.64 -2.70 30.98
C VAL B 318 39.82 -4.00 30.20
N ALA B 319 38.75 -4.79 30.11
CA ALA B 319 38.66 -5.89 29.15
C ALA B 319 37.23 -6.03 28.64
N THR B 320 37.09 -6.06 27.34
CA THR B 320 35.79 -6.14 26.69
C THR B 320 35.40 -7.58 26.39
N MET B 321 34.26 -8.00 26.93
CA MET B 321 33.75 -9.33 26.67
C MET B 321 33.17 -9.41 25.27
N HIS B 322 33.54 -10.47 24.53
CA HIS B 322 32.87 -10.85 23.26
C HIS B 322 32.29 -12.24 23.41
N VAL B 323 31.18 -12.47 22.72
CA VAL B 323 30.63 -13.79 22.59
C VAL B 323 30.93 -14.26 21.17
N GLU B 324 31.45 -15.48 21.07
CA GLU B 324 31.83 -16.08 19.77
C GLU B 324 31.16 -17.45 19.63
N LEU B 325 30.83 -17.80 18.40
CA LEU B 325 30.13 -19.06 18.12
C LEU B 325 30.95 -19.97 17.18
N ASP B 326 30.82 -21.30 17.31
CA ASP B 326 31.25 -22.25 16.27
C ASP B 326 30.27 -23.42 16.16
N THR B 338 35.62 -19.13 14.18
CA THR B 338 34.46 -18.72 14.93
C THR B 338 33.79 -17.47 14.35
N THR B 339 32.53 -17.23 14.72
CA THR B 339 31.83 -15.98 14.47
C THR B 339 31.83 -15.10 15.73
N ASP B 340 32.45 -13.92 15.68
CA ASP B 340 32.37 -12.94 16.77
C ASP B 340 31.03 -12.17 16.72
N LEU B 341 30.22 -12.29 17.76
CA LEU B 341 28.96 -11.51 17.89
C LEU B 341 29.12 -10.08 18.37
N GLY B 342 30.32 -9.69 18.74
CA GLY B 342 30.62 -8.28 19.04
C GLY B 342 30.82 -8.08 20.54
N ALA B 343 31.07 -6.83 20.90
CA ALA B 343 31.37 -6.51 22.28
C ALA B 343 30.08 -6.53 23.08
N LYS B 344 30.13 -7.19 24.22
CA LYS B 344 28.95 -7.36 25.07
C LYS B 344 29.15 -6.81 26.46
N GLY B 345 30.01 -5.82 26.62
CA GLY B 345 30.23 -5.22 27.93
C GLY B 345 31.69 -5.20 28.33
N THR B 346 32.09 -4.08 28.90
CA THR B 346 33.46 -3.84 29.24
C THR B 346 33.65 -3.93 30.80
N LEU B 347 34.45 -4.92 31.19
CA LEU B 347 34.81 -5.11 32.62
C LEU B 347 35.81 -4.00 33.00
N LYS B 348 35.62 -3.39 34.18
CA LYS B 348 36.40 -2.29 34.67
C LYS B 348 37.06 -2.77 35.91
N PHE B 349 38.37 -2.92 35.82
CA PHE B 349 39.18 -3.42 36.92
C PHE B 349 39.74 -2.29 37.75
N SER B 350 39.83 -2.50 39.06
CA SER B 350 40.46 -1.52 39.95
C SER B 350 41.33 -2.25 40.94
N LEU B 351 42.50 -1.69 41.26
CA LEU B 351 43.41 -2.25 42.23
C LEU B 351 44.12 -1.10 42.94
N LYS B 352 44.19 -1.15 44.28
CA LYS B 352 44.95 -0.18 45.05
C LYS B 352 46.11 -0.88 45.76
N ILE B 353 47.28 -0.29 45.63
CA ILE B 353 48.46 -0.75 46.32
C ILE B 353 48.96 0.35 47.21
N SER B 354 49.32 -0.04 48.43
CA SER B 354 49.84 0.87 49.45
C SER B 354 51.26 0.47 49.81
#